data_4OQL
#
_entry.id   4OQL
#
_cell.length_a   113.385
_cell.length_b   116.419
_cell.length_c   108.118
_cell.angle_alpha   90.00
_cell.angle_beta   90.00
_cell.angle_gamma   90.00
#
_symmetry.space_group_name_H-M   'C 2 2 21'
#
loop_
_entity.id
_entity.type
_entity.pdbx_description
1 polymer 'Thymidine kinase'
2 non-polymer 'SULFATE ION'
3 non-polymer "2'-deoxy-5-ethynyl-2',2'-difluorouridine"
4 water water
#
_entity_poly.entity_id   1
_entity_poly.type   'polypeptide(L)'
_entity_poly.pdbx_seq_one_letter_code
;KMPTLLRVYIDGPHGMGKTTTTQLLVALGSRDDIVYVPEPMTYWRVLGASETIANIYTTQHRLDQGEISAGDAAVVMTSA
QITMGMPYAVTDAVLAPHIGGEAGSSHAPPPALTLIFDRHPIAALLCYPAARYLMGSMTPQAVLAFVALIPPTLPGTNIV
LGALPEDRHIDRLAKRQRPGERLDLAMLAAIRRVYGLLANTVRYLQCGGSWREDWGQLSGTAVPPQGAEPQSNAGPRPHI
GDTLFTLFRAPELLAPNGDLYNVFAWALDVLAKRLRSMHVFILDYDQSPAGCRDALLQLTSGMVQTHVTTPGSIPTICDL
ARTFAREMGEAN
;
_entity_poly.pdbx_strand_id   A,B
#
loop_
_chem_comp.id
_chem_comp.type
_chem_comp.name
_chem_comp.formula
F2U non-polymer 2'-deoxy-5-ethynyl-2',2'-difluorouridine 'C11 H10 F2 N2 O5'
SO4 non-polymer 'SULFATE ION' 'O4 S -2'
#
# COMPACT_ATOMS: atom_id res chain seq x y z
N MET A 2 15.64 -21.63 16.45
CA MET A 2 15.83 -21.09 15.10
C MET A 2 16.90 -20.01 15.07
N PRO A 3 17.65 -19.92 13.95
CA PRO A 3 18.76 -18.97 13.87
C PRO A 3 18.29 -17.51 13.94
N THR A 4 19.22 -16.59 14.13
CA THR A 4 18.87 -15.19 14.32
C THR A 4 19.25 -14.29 13.15
N LEU A 5 18.48 -13.21 13.00
CA LEU A 5 18.67 -12.25 11.91
C LEU A 5 18.77 -10.84 12.48
N LEU A 6 19.68 -10.06 11.91
CA LEU A 6 19.72 -8.63 12.22
C LEU A 6 19.44 -7.81 10.97
N ARG A 7 18.36 -7.04 10.99
CA ARG A 7 18.03 -6.15 9.89
C ARG A 7 18.36 -4.70 10.23
N VAL A 8 19.06 -4.05 9.31
CA VAL A 8 19.54 -2.69 9.52
C VAL A 8 19.19 -1.86 8.31
N TYR A 9 18.30 -0.89 8.48
CA TYR A 9 17.89 0.00 7.40
C TYR A 9 18.58 1.35 7.53
N ILE A 10 19.42 1.68 6.55
CA ILE A 10 20.13 2.95 6.54
C ILE A 10 19.30 3.94 5.77
N ASP A 11 18.83 4.96 6.46
CA ASP A 11 17.84 5.84 5.87
C ASP A 11 18.15 7.28 6.29
N GLY A 12 17.27 8.20 5.97
CA GLY A 12 17.55 9.61 6.20
C GLY A 12 17.60 10.35 4.90
N PRO A 13 17.83 11.67 4.94
CA PRO A 13 17.89 12.47 3.72
C PRO A 13 18.97 11.95 2.78
N HIS A 14 18.75 12.06 1.48
CA HIS A 14 19.77 11.72 0.50
C HIS A 14 20.89 12.76 0.51
N GLY A 15 22.09 12.34 0.13
CA GLY A 15 23.21 13.26 -0.02
C GLY A 15 24.07 13.41 1.23
N MET A 16 23.86 12.56 2.22
CA MET A 16 24.68 12.61 3.44
C MET A 16 25.87 11.67 3.34
N GLY A 17 25.81 10.69 2.44
CA GLY A 17 26.84 9.68 2.31
C GLY A 17 26.40 8.27 2.69
N LYS A 18 25.10 7.98 2.64
CA LYS A 18 24.58 6.66 3.04
C LYS A 18 25.11 5.49 2.19
N THR A 19 25.10 5.66 0.88
CA THR A 19 25.42 4.57 -0.04
C THR A 19 26.94 4.29 -0.12
N THR A 20 27.75 5.24 0.33
CA THR A 20 29.19 5.00 0.43
C THR A 20 29.50 4.22 1.70
N THR A 21 29.13 4.81 2.84
CA THR A 21 29.31 4.25 4.17
C THR A 21 29.05 2.74 4.26
N THR A 22 27.91 2.33 3.73
CA THR A 22 27.48 0.94 3.81
C THR A 22 28.16 0.05 2.77
N GLN A 23 28.50 0.63 1.63
CA GLN A 23 29.25 -0.07 0.59
C GLN A 23 30.56 -0.58 1.17
N LEU A 24 31.12 0.17 2.12
CA LEU A 24 32.38 -0.19 2.74
C LEU A 24 32.15 -1.17 3.90
N LEU A 25 30.90 -1.45 4.21
CA LEU A 25 30.57 -2.27 5.38
C LEU A 25 30.62 -3.77 5.07
N VAL A 26 30.12 -4.16 3.90
CA VAL A 26 30.27 -5.55 3.45
C VAL A 26 31.62 -5.68 2.75
N ALA A 27 32.27 -4.53 2.52
CA ALA A 27 33.61 -4.52 1.99
C ALA A 27 34.64 -4.48 3.12
N ARG A 31 31.74 -11.38 5.22
CA ARG A 31 31.05 -11.07 3.97
C ARG A 31 30.00 -12.13 3.63
N ASP A 32 30.19 -13.33 4.18
CA ASP A 32 29.25 -14.43 3.94
C ASP A 32 27.97 -14.26 4.76
N ASP A 33 28.11 -13.67 5.95
CA ASP A 33 26.99 -13.53 6.88
C ASP A 33 26.48 -12.08 6.93
N ILE A 34 26.93 -11.25 6.00
CA ILE A 34 26.40 -9.90 5.84
C ILE A 34 26.05 -9.68 4.37
N VAL A 35 24.85 -9.17 4.13
CA VAL A 35 24.44 -8.84 2.78
C VAL A 35 23.98 -7.39 2.70
N TYR A 36 24.46 -6.68 1.69
CA TYR A 36 24.09 -5.30 1.46
C TYR A 36 23.05 -5.20 0.35
N VAL A 37 21.89 -4.66 0.69
CA VAL A 37 20.81 -4.42 -0.27
C VAL A 37 20.83 -2.94 -0.65
N PRO A 38 21.33 -2.63 -1.86
CA PRO A 38 21.59 -1.28 -2.34
C PRO A 38 20.31 -0.63 -2.85
N GLU A 39 20.36 0.67 -3.13
CA GLU A 39 19.17 1.36 -3.62
C GLU A 39 18.86 0.83 -5.01
N PRO A 40 17.58 0.60 -5.28
CA PRO A 40 17.16 -0.09 -6.51
C PRO A 40 17.20 0.86 -7.71
N MET A 41 18.37 1.41 -8.00
CA MET A 41 18.50 2.44 -9.03
C MET A 41 17.99 1.94 -10.39
N THR A 42 18.30 0.68 -10.70
CA THR A 42 17.88 0.12 -11.98
C THR A 42 16.35 0.10 -12.11
N TYR A 43 15.65 -0.21 -11.03
CA TYR A 43 14.18 -0.15 -11.06
C TYR A 43 13.70 1.27 -11.39
N TRP A 44 14.27 2.23 -10.68
CA TRP A 44 13.93 3.65 -10.81
C TRP A 44 14.21 4.21 -12.21
N ARG A 45 15.35 3.84 -12.78
CA ARG A 45 15.76 4.39 -14.07
C ARG A 45 15.23 3.59 -15.28
N VAL A 46 15.04 2.28 -15.11
CA VAL A 46 14.67 1.42 -16.24
C VAL A 46 13.45 0.51 -16.04
N LEU A 47 13.49 -0.38 -15.05
CA LEU A 47 12.49 -1.45 -14.94
C LEU A 47 11.07 -0.97 -14.64
N GLY A 48 10.94 -0.06 -13.68
CA GLY A 48 9.63 0.38 -13.21
C GLY A 48 9.05 1.47 -14.09
N ALA A 49 9.94 2.31 -14.59
CA ALA A 49 9.56 3.42 -15.44
C ALA A 49 10.88 4.02 -15.95
N SER A 50 10.79 5.03 -16.81
CA SER A 50 11.99 5.59 -17.41
C SER A 50 12.44 6.82 -16.67
N GLU A 51 13.60 6.72 -16.01
CA GLU A 51 14.23 7.86 -15.35
C GLU A 51 13.28 8.56 -14.38
N THR A 52 12.78 7.80 -13.40
CA THR A 52 11.84 8.33 -12.41
C THR A 52 12.43 9.53 -11.66
N ILE A 53 13.71 9.46 -11.31
CA ILE A 53 14.35 10.54 -10.57
C ILE A 53 14.34 11.84 -11.37
N ALA A 54 14.74 11.77 -12.64
CA ALA A 54 14.66 12.92 -13.54
C ALA A 54 13.23 13.48 -13.57
N ASN A 55 12.28 12.56 -13.70
CA ASN A 55 10.87 12.92 -13.77
C ASN A 55 10.46 13.72 -12.53
N ILE A 56 10.93 13.27 -11.37
CA ILE A 56 10.60 13.91 -10.10
C ILE A 56 11.16 15.34 -10.02
N TYR A 57 12.46 15.49 -10.25
CA TYR A 57 13.09 16.80 -10.16
C TYR A 57 12.65 17.77 -11.25
N THR A 58 12.42 17.25 -12.45
CA THR A 58 11.93 18.08 -13.53
C THR A 58 10.51 18.60 -13.26
N THR A 59 9.66 17.75 -12.69
CA THR A 59 8.32 18.18 -12.34
C THR A 59 8.34 19.30 -11.30
N GLN A 60 9.13 19.15 -10.25
CA GLN A 60 9.21 20.19 -9.24
C GLN A 60 9.77 21.49 -9.86
N HIS A 61 10.81 21.36 -10.67
CA HIS A 61 11.40 22.53 -11.30
C HIS A 61 10.37 23.28 -12.15
N ARG A 62 9.60 22.55 -12.93
CA ARG A 62 8.55 23.16 -13.74
C ARG A 62 7.41 23.78 -12.92
N LEU A 63 7.09 23.16 -11.78
CA LEU A 63 6.12 23.76 -10.87
C LEU A 63 6.66 25.08 -10.35
N ASP A 64 7.92 25.05 -9.91
CA ASP A 64 8.59 26.22 -9.35
C ASP A 64 8.62 27.38 -10.36
N GLN A 65 8.80 27.04 -11.64
CA GLN A 65 8.85 28.05 -12.69
C GLN A 65 7.45 28.49 -13.10
N GLY A 66 6.45 27.75 -12.65
CA GLY A 66 5.06 28.07 -12.95
C GLY A 66 4.65 27.59 -14.32
N GLU A 67 5.33 26.57 -14.83
CA GLU A 67 5.00 26.02 -16.14
C GLU A 67 3.86 24.99 -16.06
N ILE A 68 3.62 24.46 -14.87
CA ILE A 68 2.50 23.53 -14.64
C ILE A 68 1.83 23.89 -13.32
N SER A 69 0.57 23.49 -13.16
CA SER A 69 -0.16 23.75 -11.91
C SER A 69 0.29 22.82 -10.79
N ALA A 70 -0.06 23.20 -9.56
CA ALA A 70 0.15 22.36 -8.39
C ALA A 70 -0.56 21.02 -8.58
N GLY A 71 -1.73 21.06 -9.22
CA GLY A 71 -2.52 19.89 -9.54
C GLY A 71 -1.84 18.90 -10.47
N ASP A 72 -1.26 19.40 -11.57
CA ASP A 72 -0.53 18.54 -12.51
C ASP A 72 0.67 17.94 -11.82
N ALA A 73 1.41 18.77 -11.07
CA ALA A 73 2.61 18.30 -10.41
C ALA A 73 2.31 17.19 -9.39
N ALA A 74 1.23 17.36 -8.63
CA ALA A 74 0.82 16.36 -7.64
C ALA A 74 0.50 14.98 -8.24
N VAL A 75 -0.16 14.94 -9.39
CA VAL A 75 -0.49 13.63 -9.96
C VAL A 75 0.77 12.96 -10.49
N VAL A 76 1.68 13.77 -11.01
CA VAL A 76 2.97 13.28 -11.45
C VAL A 76 3.79 12.78 -10.27
N MET A 77 3.98 13.63 -9.26
CA MET A 77 4.73 13.24 -8.07
C MET A 77 4.19 11.98 -7.41
N THR A 78 2.87 11.89 -7.33
CA THR A 78 2.21 10.78 -6.66
C THR A 78 2.51 9.46 -7.37
N SER A 79 2.31 9.41 -8.69
CA SER A 79 2.57 8.15 -9.40
C SER A 79 4.05 7.82 -9.41
N ALA A 80 4.89 8.85 -9.46
CA ALA A 80 6.33 8.63 -9.41
C ALA A 80 6.74 8.02 -8.08
N GLN A 81 6.17 8.52 -6.99
CA GLN A 81 6.48 7.97 -5.67
C GLN A 81 6.04 6.50 -5.56
N ILE A 82 5.01 6.13 -6.32
CA ILE A 82 4.56 4.74 -6.34
C ILE A 82 5.66 3.87 -6.93
N THR A 83 6.21 4.31 -8.06
CA THR A 83 7.31 3.61 -8.73
C THR A 83 8.53 3.49 -7.80
N MET A 84 8.83 4.58 -7.10
CA MET A 84 9.98 4.63 -6.20
C MET A 84 9.89 3.61 -5.06
N GLY A 85 8.71 3.47 -4.48
CA GLY A 85 8.57 2.61 -3.31
C GLY A 85 8.43 1.13 -3.63
N MET A 86 8.08 0.81 -4.87
CA MET A 86 7.74 -0.59 -5.24
C MET A 86 8.74 -1.67 -4.78
N PRO A 87 10.05 -1.52 -5.15
CA PRO A 87 11.01 -2.54 -4.68
C PRO A 87 11.06 -2.69 -3.16
N TYR A 88 10.85 -1.60 -2.43
CA TYR A 88 10.85 -1.65 -0.97
C TYR A 88 9.63 -2.38 -0.43
N ALA A 89 8.48 -2.13 -1.06
CA ALA A 89 7.25 -2.79 -0.65
C ALA A 89 7.26 -4.30 -0.96
N VAL A 90 7.72 -4.68 -2.16
CA VAL A 90 7.77 -6.12 -2.49
C VAL A 90 8.72 -6.86 -1.56
N THR A 91 9.87 -6.26 -1.31
CA THR A 91 10.89 -6.86 -0.49
C THR A 91 10.39 -7.05 0.93
N ASP A 92 9.78 -6.00 1.50
CA ASP A 92 9.22 -6.13 2.83
C ASP A 92 8.20 -7.27 2.91
N ALA A 93 7.37 -7.37 1.88
CA ALA A 93 6.26 -8.33 1.86
C ALA A 93 6.75 -9.79 1.75
N VAL A 94 7.80 -10.01 0.98
CA VAL A 94 8.33 -11.37 0.84
C VAL A 94 9.19 -11.75 2.05
N LEU A 95 9.76 -10.76 2.71
CA LEU A 95 10.57 -11.02 3.89
C LEU A 95 9.71 -11.26 5.14
N ALA A 96 8.58 -10.57 5.23
CA ALA A 96 7.73 -10.59 6.42
C ALA A 96 7.45 -11.98 7.04
N PRO A 97 6.97 -12.96 6.24
CA PRO A 97 6.68 -14.28 6.83
C PRO A 97 7.90 -14.95 7.46
N HIS A 98 9.10 -14.57 7.02
CA HIS A 98 10.33 -15.14 7.56
C HIS A 98 10.74 -14.57 8.92
N ILE A 99 10.14 -13.46 9.33
CA ILE A 99 10.59 -12.78 10.55
C ILE A 99 9.88 -13.32 11.80
N GLY A 100 10.67 -13.71 12.79
CA GLY A 100 10.11 -14.22 14.03
C GLY A 100 10.13 -13.16 15.11
N GLY A 101 9.96 -13.59 16.35
CA GLY A 101 9.97 -12.68 17.48
C GLY A 101 11.38 -12.28 17.82
N GLU A 102 11.52 -11.33 18.74
CA GLU A 102 12.82 -10.88 19.18
C GLU A 102 13.63 -12.03 19.79
N ALA A 103 14.95 -11.91 19.72
CA ALA A 103 15.83 -12.94 20.23
C ALA A 103 16.37 -12.58 21.61
N PRO A 109 25.04 -12.89 22.08
CA PRO A 109 24.89 -13.89 21.00
C PRO A 109 25.15 -13.29 19.63
N PRO A 110 25.57 -14.13 18.65
CA PRO A 110 25.88 -13.67 17.29
C PRO A 110 24.73 -13.94 16.32
N PRO A 111 24.53 -13.03 15.35
CA PRO A 111 23.46 -13.23 14.36
C PRO A 111 23.93 -14.10 13.21
N ALA A 112 23.10 -15.04 12.80
CA ALA A 112 23.42 -15.92 11.67
C ALA A 112 23.54 -15.13 10.38
N LEU A 113 22.75 -14.05 10.26
CA LEU A 113 22.72 -13.23 9.07
C LEU A 113 22.41 -11.77 9.41
N THR A 114 23.16 -10.85 8.81
CA THR A 114 22.89 -9.43 8.95
C THR A 114 22.53 -8.86 7.58
N LEU A 115 21.33 -8.31 7.47
CA LEU A 115 20.92 -7.62 6.26
C LEU A 115 21.02 -6.13 6.46
N ILE A 116 21.82 -5.48 5.63
CA ILE A 116 21.88 -4.03 5.63
C ILE A 116 21.22 -3.48 4.38
N PHE A 117 20.06 -2.82 4.57
CA PHE A 117 19.31 -2.23 3.48
C PHE A 117 19.65 -0.78 3.28
N ASP A 118 19.64 -0.35 2.03
CA ASP A 118 19.67 1.05 1.70
C ASP A 118 18.21 1.53 1.70
N ARG A 119 17.81 2.18 2.80
CA ARG A 119 16.46 2.69 3.04
C ARG A 119 15.39 1.66 3.45
N HIS A 120 14.44 2.15 4.24
CA HIS A 120 13.28 1.40 4.69
C HIS A 120 12.08 1.87 3.86
N PRO A 121 11.04 1.03 3.72
CA PRO A 121 9.79 1.42 3.06
C PRO A 121 9.23 2.79 3.46
N ILE A 122 9.40 3.21 4.71
CA ILE A 122 8.91 4.54 5.07
C ILE A 122 9.56 5.71 4.32
N ALA A 123 10.73 5.50 3.68
CA ALA A 123 11.30 6.61 2.90
C ALA A 123 10.36 7.01 1.78
N ALA A 124 9.93 6.03 0.99
CA ALA A 124 9.05 6.28 -0.14
C ALA A 124 7.56 6.32 0.21
N LEU A 125 7.18 5.77 1.36
CA LEU A 125 5.77 5.72 1.74
C LEU A 125 5.37 6.76 2.79
N LEU A 126 6.33 7.56 3.25
CA LEU A 126 6.05 8.61 4.24
C LEU A 126 6.95 9.82 4.03
N CYS A 127 8.25 9.61 4.10
CA CYS A 127 9.18 10.75 4.23
C CYS A 127 9.25 11.59 2.96
N TYR A 128 9.54 10.95 1.83
CA TYR A 128 9.55 11.69 0.57
C TYR A 128 8.20 12.28 0.17
N PRO A 129 7.11 11.50 0.30
CA PRO A 129 5.80 12.13 0.11
C PRO A 129 5.57 13.39 0.97
N ALA A 130 5.90 13.32 2.26
CA ALA A 130 5.68 14.45 3.15
C ALA A 130 6.54 15.65 2.75
N ALA A 131 7.79 15.38 2.35
CA ALA A 131 8.67 16.45 1.89
C ALA A 131 8.06 17.10 0.65
N ARG A 132 7.57 16.28 -0.28
CA ARG A 132 6.97 16.83 -1.49
C ARG A 132 5.70 17.64 -1.18
N TYR A 133 4.96 17.22 -0.15
CA TYR A 133 3.83 18.00 0.35
C TYR A 133 4.32 19.40 0.75
N LEU A 134 5.39 19.46 1.54
CA LEU A 134 6.00 20.73 1.96
C LEU A 134 6.53 21.56 0.78
N MET A 135 6.80 20.88 -0.33
CA MET A 135 7.29 21.51 -1.55
C MET A 135 6.12 21.92 -2.43
N GLY A 136 4.91 21.72 -1.92
CA GLY A 136 3.71 22.07 -2.66
C GLY A 136 3.42 21.19 -3.87
N SER A 137 4.05 20.03 -3.96
CA SER A 137 3.83 19.17 -5.13
C SER A 137 3.18 17.81 -4.85
N MET A 138 2.65 17.63 -3.64
CA MET A 138 1.79 16.48 -3.32
C MET A 138 0.69 16.90 -2.34
N THR A 139 -0.51 16.35 -2.49
CA THR A 139 -1.59 16.68 -1.57
C THR A 139 -1.38 15.93 -0.26
N PRO A 140 -1.80 16.51 0.87
CA PRO A 140 -1.69 15.77 2.13
C PRO A 140 -2.57 14.51 2.14
N GLN A 141 -3.64 14.50 1.35
CA GLN A 141 -4.48 13.29 1.26
C GLN A 141 -3.70 12.14 0.60
N ALA A 142 -2.91 12.44 -0.43
CA ALA A 142 -2.07 11.41 -1.05
C ALA A 142 -1.04 10.90 -0.07
N VAL A 143 -0.45 11.81 0.71
CA VAL A 143 0.54 11.42 1.69
C VAL A 143 -0.05 10.41 2.67
N LEU A 144 -1.26 10.69 3.15
CA LEU A 144 -1.90 9.79 4.12
C LEU A 144 -2.38 8.49 3.46
N ALA A 145 -2.60 8.50 2.15
CA ALA A 145 -2.84 7.24 1.43
C ALA A 145 -1.60 6.36 1.46
N PHE A 146 -0.42 6.96 1.27
CA PHE A 146 0.82 6.20 1.37
C PHE A 146 1.01 5.71 2.81
N VAL A 147 0.74 6.59 3.76
CA VAL A 147 0.87 6.20 5.16
C VAL A 147 -0.04 5.00 5.48
N ALA A 148 -1.26 5.00 4.95
CA ALA A 148 -2.23 3.95 5.25
C ALA A 148 -1.74 2.59 4.76
N LEU A 149 -0.82 2.63 3.80
CA LEU A 149 -0.30 1.40 3.19
C LEU A 149 1.07 0.98 3.72
N ILE A 150 1.58 1.69 4.74
CA ILE A 150 2.86 1.31 5.37
C ILE A 150 2.68 -0.07 6.00
N PRO A 151 3.55 -1.03 5.63
CA PRO A 151 3.42 -2.39 6.18
C PRO A 151 3.56 -2.39 7.70
N PRO A 152 2.88 -3.32 8.38
CA PRO A 152 2.97 -3.41 9.83
C PRO A 152 4.44 -3.53 10.23
N THR A 153 4.80 -2.92 11.34
CA THR A 153 6.19 -2.90 11.76
C THR A 153 6.57 -4.23 12.40
N LEU A 154 7.50 -4.93 11.76
CA LEU A 154 7.98 -6.22 12.23
C LEU A 154 8.91 -6.04 13.42
N PRO A 155 9.12 -7.13 14.18
CA PRO A 155 10.13 -7.09 15.23
C PRO A 155 11.51 -6.86 14.61
N GLY A 156 12.41 -6.20 15.34
CA GLY A 156 13.77 -5.97 14.89
C GLY A 156 13.90 -4.99 13.73
N THR A 157 12.96 -4.04 13.66
CA THR A 157 13.05 -2.98 12.66
C THR A 157 14.00 -1.86 13.13
N ASN A 158 15.29 -2.05 12.89
CA ASN A 158 16.30 -1.06 13.25
C ASN A 158 16.56 -0.12 12.09
N ILE A 159 16.29 1.17 12.31
CA ILE A 159 16.43 2.17 11.26
C ILE A 159 17.50 3.19 11.66
N VAL A 160 18.49 3.39 10.79
CA VAL A 160 19.56 4.35 11.05
C VAL A 160 19.31 5.64 10.29
N LEU A 161 19.20 6.74 11.01
CA LEU A 161 19.00 8.05 10.41
C LEU A 161 20.30 8.88 10.58
N GLY A 162 20.48 9.89 9.74
CA GLY A 162 21.71 10.65 9.76
C GLY A 162 21.67 11.98 10.48
N ALA A 163 22.82 12.38 11.02
CA ALA A 163 22.99 13.72 11.53
C ALA A 163 24.12 14.36 10.73
N LEU A 164 23.87 15.54 10.19
CA LEU A 164 24.90 16.28 9.44
C LEU A 164 24.48 17.75 9.40
N PRO A 165 25.41 18.67 9.76
CA PRO A 165 25.05 20.09 9.70
C PRO A 165 24.68 20.45 8.28
N GLU A 166 23.79 21.42 8.10
CA GLU A 166 23.24 21.70 6.77
C GLU A 166 24.25 22.10 5.70
N ASP A 167 25.21 22.95 6.08
CA ASP A 167 26.22 23.43 5.14
C ASP A 167 27.03 22.26 4.58
N ARG A 168 27.54 21.41 5.47
CA ARG A 168 28.27 20.21 5.07
C ARG A 168 27.41 19.28 4.22
N HIS A 169 26.12 19.23 4.51
CA HIS A 169 25.21 18.38 3.76
C HIS A 169 25.08 18.89 2.34
N ILE A 170 24.96 20.21 2.19
CA ILE A 170 24.93 20.83 0.87
C ILE A 170 26.19 20.45 0.08
N ASP A 171 27.35 20.51 0.73
CA ASP A 171 28.61 20.13 0.10
C ASP A 171 28.58 18.68 -0.40
N ARG A 172 28.17 17.77 0.48
CA ARG A 172 28.07 16.36 0.09
C ARG A 172 27.02 16.11 -0.98
N LEU A 173 25.89 16.79 -0.89
CA LEU A 173 24.81 16.58 -1.85
C LEU A 173 25.26 16.99 -3.26
N ALA A 174 26.05 18.06 -3.33
CA ALA A 174 26.55 18.58 -4.59
C ALA A 174 27.35 17.51 -5.35
N LYS A 175 28.03 16.65 -4.61
CA LYS A 175 28.82 15.58 -5.21
C LYS A 175 28.05 14.26 -5.35
N ARG A 176 26.86 14.18 -4.74
CA ARG A 176 26.12 12.92 -4.70
C ARG A 176 24.76 12.95 -5.38
N GLN A 177 24.67 13.77 -6.44
CA GLN A 177 23.48 13.89 -7.28
C GLN A 177 23.23 12.61 -8.07
N ARG A 178 22.03 12.04 -7.92
CA ARG A 178 21.69 10.84 -8.68
C ARG A 178 21.40 11.26 -10.12
N PRO A 179 21.36 10.29 -11.06
CA PRO A 179 21.06 10.64 -12.45
C PRO A 179 19.68 11.28 -12.62
N GLY A 180 19.65 12.48 -13.18
CA GLY A 180 18.41 13.20 -13.37
C GLY A 180 18.07 14.13 -12.22
N GLU A 181 18.83 14.05 -11.14
CA GLU A 181 18.57 14.87 -9.95
C GLU A 181 18.98 16.34 -10.18
N ARG A 182 18.24 17.28 -9.61
CA ARG A 182 18.66 18.70 -9.60
C ARG A 182 18.95 19.14 -8.18
N LEU A 183 20.01 19.93 -8.02
CA LEU A 183 20.44 20.40 -6.71
C LEU A 183 19.43 21.44 -6.19
N ASP A 184 18.52 20.98 -5.34
CA ASP A 184 17.40 21.78 -4.90
C ASP A 184 17.51 21.97 -3.39
N LEU A 185 17.90 23.18 -2.98
CA LEU A 185 18.10 23.49 -1.57
C LEU A 185 16.79 23.55 -0.80
N ALA A 186 15.71 23.91 -1.48
CA ALA A 186 14.38 23.88 -0.86
C ALA A 186 13.98 22.42 -0.54
N MET A 187 14.20 21.52 -1.49
CA MET A 187 13.89 20.10 -1.23
C MET A 187 14.81 19.58 -0.13
N LEU A 188 16.09 19.94 -0.18
CA LEU A 188 17.02 19.53 0.86
C LEU A 188 16.54 19.91 2.26
N ALA A 189 16.03 21.13 2.38
CA ALA A 189 15.57 21.61 3.66
C ALA A 189 14.28 20.88 4.07
N ALA A 190 13.40 20.66 3.12
CA ALA A 190 12.15 19.95 3.41
C ALA A 190 12.41 18.51 3.86
N ILE A 191 13.33 17.83 3.19
CA ILE A 191 13.56 16.43 3.52
C ILE A 191 14.29 16.33 4.86
N ARG A 192 15.22 17.24 5.13
CA ARG A 192 15.87 17.28 6.45
C ARG A 192 14.86 17.55 7.56
N ARG A 193 13.93 18.49 7.34
CA ARG A 193 12.88 18.77 8.32
C ARG A 193 12.03 17.51 8.57
N VAL A 194 11.61 16.87 7.49
CA VAL A 194 10.81 15.64 7.62
C VAL A 194 11.52 14.55 8.45
N TYR A 195 12.77 14.24 8.12
CA TYR A 195 13.49 13.25 8.90
C TYR A 195 13.76 13.68 10.34
N GLY A 196 14.01 14.97 10.56
CA GLY A 196 14.10 15.52 11.90
C GLY A 196 12.78 15.28 12.65
N LEU A 197 11.67 15.64 12.02
CA LEU A 197 10.34 15.39 12.61
C LEU A 197 10.10 13.89 12.86
N LEU A 198 10.57 13.04 11.93
CA LEU A 198 10.46 11.58 12.10
C LEU A 198 11.14 11.08 13.37
N ALA A 199 12.40 11.46 13.57
CA ALA A 199 13.11 11.07 14.79
C ALA A 199 12.37 11.57 16.03
N ASN A 200 11.87 12.79 15.96
CA ASN A 200 11.11 13.36 17.08
C ASN A 200 9.82 12.59 17.32
N THR A 201 9.18 12.19 16.23
CA THR A 201 7.90 11.50 16.31
C THR A 201 8.03 10.13 16.99
N VAL A 202 9.06 9.37 16.61
CA VAL A 202 9.35 8.08 17.25
C VAL A 202 9.55 8.26 18.76
N ARG A 203 10.30 9.29 19.14
CA ARG A 203 10.57 9.59 20.54
C ARG A 203 9.31 9.99 21.30
N TYR A 204 8.55 10.91 20.74
CA TYR A 204 7.24 11.30 21.26
C TYR A 204 6.35 10.08 21.52
N LEU A 205 6.26 9.19 20.54
CA LEU A 205 5.41 8.02 20.67
C LEU A 205 5.91 7.05 21.73
N GLN A 206 7.22 6.82 21.75
CA GLN A 206 7.80 5.84 22.65
C GLN A 206 7.71 6.26 24.11
N CYS A 207 7.72 7.57 24.33
CA CYS A 207 7.57 8.13 25.66
C CYS A 207 6.11 8.29 26.05
N GLY A 208 5.22 7.70 25.24
CA GLY A 208 3.81 7.62 25.59
C GLY A 208 2.93 8.76 25.12
N GLY A 209 3.40 9.55 24.17
CA GLY A 209 2.59 10.63 23.61
C GLY A 209 1.34 10.15 22.87
N SER A 210 0.22 10.80 23.13
CA SER A 210 -1.01 10.51 22.40
C SER A 210 -1.41 11.70 21.53
N TRP A 211 -1.29 11.52 20.23
CA TRP A 211 -1.55 12.58 19.29
C TRP A 211 -2.95 13.17 19.41
N ARG A 212 -3.94 12.33 19.69
CA ARG A 212 -5.33 12.76 19.85
C ARG A 212 -5.47 13.60 21.11
N GLU A 213 -4.78 13.21 22.17
CA GLU A 213 -4.78 14.01 23.39
C GLU A 213 -4.11 15.37 23.21
N ASP A 214 -3.00 15.40 22.48
CA ASP A 214 -2.20 16.61 22.34
C ASP A 214 -2.61 17.45 21.13
N TRP A 215 -3.56 16.96 20.34
CA TRP A 215 -3.92 17.60 19.08
C TRP A 215 -4.34 19.07 19.25
N GLY A 216 -5.00 19.38 20.35
CA GLY A 216 -5.43 20.74 20.64
C GLY A 216 -4.29 21.73 20.80
N GLN A 217 -3.11 21.23 21.15
CA GLN A 217 -1.94 22.08 21.34
C GLN A 217 -1.44 22.71 20.02
N LEU A 218 -1.76 22.06 18.90
CA LEU A 218 -1.36 22.60 17.59
C LEU A 218 -2.17 23.87 17.28
N SER A 219 -3.32 24.01 17.92
CA SER A 219 -4.17 25.19 17.71
C SER A 219 -3.95 26.25 18.79
N GLY A 220 -3.19 25.89 19.83
CA GLY A 220 -2.90 26.81 20.92
C GLY A 220 -1.67 27.65 20.68
N PRO A 236 7.93 13.41 29.75
CA PRO A 236 8.83 14.34 29.03
C PRO A 236 9.14 13.82 27.61
N ARG A 237 8.76 14.64 26.63
CA ARG A 237 8.75 14.20 25.25
C ARG A 237 8.73 15.45 24.38
N PRO A 238 9.00 15.30 23.07
CA PRO A 238 8.91 16.51 22.25
C PRO A 238 7.48 17.06 22.25
N HIS A 239 7.33 18.33 21.89
CA HIS A 239 6.01 18.93 21.73
C HIS A 239 5.47 18.35 20.42
N ILE A 240 4.15 18.17 20.36
CA ILE A 240 3.51 17.62 19.18
C ILE A 240 3.79 18.49 17.95
N GLY A 241 3.96 19.78 18.17
CA GLY A 241 4.27 20.71 17.10
C GLY A 241 5.65 20.47 16.52
N ASP A 242 6.45 19.66 17.23
CA ASP A 242 7.75 19.22 16.74
C ASP A 242 7.74 17.75 16.28
N THR A 243 6.60 17.26 15.84
CA THR A 243 6.52 15.88 15.31
C THR A 243 5.85 15.90 13.94
N LEU A 244 5.82 14.75 13.28
CA LEU A 244 5.16 14.64 11.97
C LEU A 244 3.68 14.97 12.02
N PHE A 245 3.09 14.89 13.20
CA PHE A 245 1.66 15.17 13.35
C PHE A 245 1.31 16.60 12.95
N THR A 246 2.25 17.51 13.17
CA THR A 246 2.01 18.91 12.86
C THR A 246 1.75 19.12 11.38
N LEU A 247 2.30 18.26 10.53
CA LEU A 247 2.14 18.42 9.09
C LEU A 247 0.69 18.21 8.67
N PHE A 248 -0.07 17.47 9.48
CA PHE A 248 -1.40 17.07 9.06
C PHE A 248 -2.50 17.94 9.68
N ARG A 249 -2.08 19.09 10.19
CA ARG A 249 -3.01 20.17 10.51
C ARG A 249 -3.16 20.98 9.22
N ALA A 250 -3.32 20.27 8.11
CA ALA A 250 -3.51 20.85 6.80
C ALA A 250 -5.01 21.03 6.57
N PRO A 251 -5.42 22.20 6.05
CA PRO A 251 -6.85 22.51 5.89
C PRO A 251 -7.57 21.54 4.98
N GLU A 252 -6.89 20.97 3.98
CA GLU A 252 -7.51 19.94 3.14
C GLU A 252 -8.11 18.81 3.98
N LEU A 253 -7.55 18.57 5.16
CA LEU A 253 -7.87 17.40 5.96
C LEU A 253 -8.95 17.68 6.99
N LEU A 254 -9.45 18.91 7.02
CA LEU A 254 -10.26 19.37 8.13
C LEU A 254 -11.68 19.73 7.71
N ALA A 255 -12.65 19.43 8.57
CA ALA A 255 -14.03 19.77 8.30
C ALA A 255 -14.23 21.27 8.54
N PRO A 256 -15.37 21.83 8.10
CA PRO A 256 -15.65 23.24 8.33
C PRO A 256 -15.51 23.71 9.78
N ASN A 257 -15.69 22.83 10.75
CA ASN A 257 -15.52 23.21 12.15
C ASN A 257 -14.11 23.00 12.71
N GLY A 258 -13.16 22.65 11.84
CA GLY A 258 -11.78 22.50 12.25
C GLY A 258 -11.34 21.09 12.63
N ASP A 259 -12.31 20.19 12.84
CA ASP A 259 -11.98 18.81 13.21
C ASP A 259 -11.34 18.05 12.04
N LEU A 260 -10.35 17.21 12.34
CA LEU A 260 -9.85 16.26 11.35
C LEU A 260 -11.00 15.34 10.96
N TYR A 261 -11.17 15.08 9.67
CA TYR A 261 -12.04 13.98 9.26
C TYR A 261 -11.51 12.67 9.85
N ASN A 262 -12.44 11.81 10.26
CA ASN A 262 -12.07 10.54 10.88
C ASN A 262 -11.16 9.67 10.04
N VAL A 263 -11.39 9.68 8.73
CA VAL A 263 -10.61 8.85 7.82
C VAL A 263 -9.12 9.27 7.86
N PHE A 264 -8.86 10.57 8.08
CA PHE A 264 -7.50 11.05 8.20
C PHE A 264 -6.96 10.78 9.58
N ALA A 265 -7.81 10.94 10.60
CA ALA A 265 -7.44 10.65 11.98
C ALA A 265 -7.02 9.18 12.12
N TRP A 266 -7.71 8.28 11.40
CA TRP A 266 -7.34 6.87 11.41
C TRP A 266 -5.99 6.63 10.73
N ALA A 267 -5.69 7.36 9.66
CA ALA A 267 -4.37 7.26 9.02
C ALA A 267 -3.28 7.67 10.01
N LEU A 268 -3.56 8.70 10.81
CA LEU A 268 -2.63 9.11 11.85
C LEU A 268 -2.50 8.08 12.97
N ASP A 269 -3.59 7.39 13.32
CA ASP A 269 -3.52 6.25 14.25
C ASP A 269 -2.62 5.16 13.70
N VAL A 270 -2.72 4.90 12.41
CA VAL A 270 -1.83 3.93 11.77
C VAL A 270 -0.38 4.44 11.84
N LEU A 271 -0.17 5.71 11.47
CA LEU A 271 1.18 6.27 11.50
C LEU A 271 1.78 6.05 12.88
N ALA A 272 1.01 6.34 13.93
CA ALA A 272 1.47 6.20 15.31
C ALA A 272 1.89 4.77 15.61
N LYS A 273 1.05 3.81 15.21
CA LYS A 273 1.31 2.41 15.48
C LYS A 273 2.59 1.95 14.79
N ARG A 274 2.73 2.32 13.52
CA ARG A 274 3.90 1.90 12.73
C ARG A 274 5.20 2.44 13.32
N LEU A 275 5.22 3.73 13.69
CA LEU A 275 6.46 4.40 14.10
C LEU A 275 6.90 4.06 15.51
N ARG A 276 5.93 3.77 16.37
CA ARG A 276 6.21 3.56 17.79
C ARG A 276 7.12 2.37 18.06
N SER A 277 7.02 1.32 17.26
CA SER A 277 7.80 0.12 17.54
C SER A 277 9.09 0.03 16.70
N MET A 278 9.45 1.13 16.04
CA MET A 278 10.72 1.21 15.33
C MET A 278 11.88 1.54 16.28
N HIS A 279 13.05 1.00 16.01
CA HIS A 279 14.21 1.30 16.81
C HIS A 279 15.12 2.23 15.99
N VAL A 280 15.13 3.51 16.38
CA VAL A 280 15.90 4.54 15.69
C VAL A 280 17.31 4.66 16.27
N PHE A 281 18.30 4.82 15.38
CA PHE A 281 19.69 5.04 15.77
C PHE A 281 20.24 6.18 14.91
N ILE A 282 20.96 7.10 15.54
CA ILE A 282 21.47 8.25 14.83
C ILE A 282 22.93 8.05 14.46
N LEU A 283 23.24 8.24 13.17
CA LEU A 283 24.60 8.09 12.67
C LEU A 283 25.13 9.47 12.28
N ASP A 284 26.15 9.92 13.00
CA ASP A 284 26.85 11.16 12.68
C ASP A 284 27.62 10.98 11.36
N TYR A 285 27.20 11.67 10.31
CA TYR A 285 27.90 11.57 9.05
C TYR A 285 29.03 12.60 8.90
N ASP A 286 29.18 13.49 9.88
CA ASP A 286 30.20 14.54 9.79
C ASP A 286 31.57 14.02 10.19
N GLN A 287 32.01 12.99 9.48
CA GLN A 287 33.31 12.37 9.72
C GLN A 287 33.71 11.64 8.43
N SER A 288 34.85 10.93 8.49
CA SER A 288 35.38 10.25 7.32
C SER A 288 34.56 9.01 7.00
N PRO A 289 34.56 8.59 5.72
CA PRO A 289 33.85 7.39 5.28
C PRO A 289 34.16 6.17 6.15
N ALA A 290 35.43 6.00 6.52
CA ALA A 290 35.82 4.87 7.37
C ALA A 290 35.31 5.09 8.78
N GLY A 291 35.25 6.36 9.18
CA GLY A 291 34.68 6.73 10.47
C GLY A 291 33.20 6.42 10.51
N CYS A 292 32.49 6.84 9.47
CA CYS A 292 31.06 6.57 9.33
C CYS A 292 30.80 5.08 9.38
N ARG A 293 31.66 4.32 8.72
CA ARG A 293 31.54 2.87 8.70
C ARG A 293 31.70 2.30 10.10
N ASP A 294 32.71 2.79 10.81
CA ASP A 294 32.99 2.30 12.17
C ASP A 294 31.86 2.65 13.10
N ALA A 295 31.35 3.88 12.98
CA ALA A 295 30.25 4.35 13.81
C ALA A 295 29.00 3.51 13.56
N LEU A 296 28.74 3.16 12.31
CA LEU A 296 27.61 2.30 11.98
C LEU A 296 27.81 0.93 12.62
N LEU A 297 29.06 0.47 12.61
CA LEU A 297 29.41 -0.79 13.25
C LEU A 297 29.19 -0.75 14.76
N GLN A 298 29.54 0.38 15.38
CA GLN A 298 29.35 0.55 16.82
C GLN A 298 27.86 0.46 17.16
N LEU A 299 27.05 1.16 16.38
CA LEU A 299 25.59 1.21 16.58
C LEU A 299 24.91 -0.15 16.64
N THR A 300 25.49 -1.16 16.00
CA THR A 300 24.83 -2.46 15.87
C THR A 300 24.66 -3.19 17.19
N SER A 301 25.51 -2.87 18.16
CA SER A 301 25.45 -3.54 19.47
C SER A 301 24.13 -3.28 20.19
N GLY A 302 23.46 -2.19 19.84
CA GLY A 302 22.18 -1.87 20.45
C GLY A 302 20.97 -2.24 19.62
N MET A 303 21.20 -2.82 18.46
CA MET A 303 20.10 -3.12 17.56
C MET A 303 19.41 -4.40 17.98
N VAL A 304 18.16 -4.55 17.58
CA VAL A 304 17.37 -5.68 18.02
C VAL A 304 17.40 -6.77 16.95
N GLN A 305 17.71 -7.99 17.38
CA GLN A 305 17.72 -9.15 16.50
C GLN A 305 16.45 -9.92 16.69
N THR A 306 16.09 -10.67 15.66
CA THR A 306 14.94 -11.55 15.73
C THR A 306 15.35 -12.95 15.32
N HIS A 307 14.49 -13.91 15.63
CA HIS A 307 14.63 -15.24 15.08
C HIS A 307 13.98 -15.23 13.71
N VAL A 308 14.36 -16.18 12.87
CA VAL A 308 13.58 -16.45 11.67
C VAL A 308 12.54 -17.52 12.00
N THR A 309 11.66 -17.81 11.04
CA THR A 309 10.51 -18.69 11.30
C THR A 309 10.70 -20.13 10.82
N THR A 310 11.62 -20.36 9.90
CA THR A 310 11.89 -21.70 9.36
C THR A 310 13.39 -21.91 9.24
N PRO A 311 13.82 -23.19 9.22
CA PRO A 311 15.25 -23.44 9.06
C PRO A 311 15.79 -22.98 7.71
N GLY A 312 14.96 -22.98 6.68
CA GLY A 312 15.40 -22.55 5.37
C GLY A 312 15.31 -21.05 5.15
N SER A 313 14.83 -20.32 6.16
CA SER A 313 14.66 -18.87 6.05
C SER A 313 15.98 -18.14 5.75
N ILE A 314 17.02 -18.46 6.50
CA ILE A 314 18.31 -17.80 6.31
C ILE A 314 18.85 -17.83 4.86
N PRO A 315 18.95 -19.02 4.23
CA PRO A 315 19.46 -19.00 2.85
C PRO A 315 18.48 -18.37 1.86
N THR A 316 17.18 -18.54 2.10
CA THR A 316 16.15 -17.88 1.28
C THR A 316 16.28 -16.35 1.33
N ILE A 317 16.42 -15.81 2.54
CA ILE A 317 16.62 -14.38 2.74
C ILE A 317 17.89 -13.88 2.04
N CYS A 318 18.97 -14.63 2.22
CA CYS A 318 20.24 -14.38 1.52
C CYS A 318 20.05 -14.27 0.01
N ASP A 319 19.36 -15.27 -0.56
CA ASP A 319 19.12 -15.29 -2.00
C ASP A 319 18.27 -14.11 -2.47
N LEU A 320 17.25 -13.77 -1.69
CA LEU A 320 16.41 -12.62 -1.96
C LEU A 320 17.29 -11.37 -2.05
N ALA A 321 18.06 -11.16 -1.00
CA ALA A 321 18.90 -9.97 -0.88
C ALA A 321 19.91 -9.85 -2.01
N ARG A 322 20.56 -10.96 -2.34
CA ARG A 322 21.61 -10.93 -3.37
C ARG A 322 21.01 -10.76 -4.75
N THR A 323 19.87 -11.39 -4.99
CA THR A 323 19.16 -11.22 -6.26
C THR A 323 18.66 -9.77 -6.45
N PHE A 324 18.19 -9.14 -5.37
CA PHE A 324 17.79 -7.74 -5.39
C PHE A 324 18.98 -6.90 -5.86
N ALA A 325 20.08 -7.01 -5.12
CA ALA A 325 21.31 -6.27 -5.42
C ALA A 325 21.72 -6.39 -6.88
N ARG A 326 21.88 -7.63 -7.32
CA ARG A 326 22.32 -7.95 -8.67
C ARG A 326 21.39 -7.35 -9.72
N GLU A 327 20.09 -7.51 -9.52
CA GLU A 327 19.13 -7.09 -10.53
C GLU A 327 18.84 -5.58 -10.48
N MET A 328 18.80 -5.00 -9.28
CA MET A 328 18.36 -3.60 -9.19
C MET A 328 19.36 -2.55 -8.71
N GLY A 329 20.46 -3.00 -8.11
CA GLY A 329 21.51 -2.08 -7.72
C GLY A 329 22.18 -1.51 -8.96
N GLU A 330 22.69 -0.29 -8.85
CA GLU A 330 23.38 0.37 -9.96
C GLU A 330 24.53 -0.50 -10.49
N MET B 2 -14.58 -16.08 23.81
CA MET B 2 -14.64 -14.83 23.05
C MET B 2 -15.83 -14.78 22.09
N PRO B 3 -16.42 -13.58 21.91
CA PRO B 3 -17.49 -13.38 20.93
C PRO B 3 -16.92 -13.36 19.51
N THR B 4 -17.75 -13.74 18.54
CA THR B 4 -17.28 -13.89 17.17
C THR B 4 -17.72 -12.77 16.24
N LEU B 5 -17.02 -12.65 15.12
CA LEU B 5 -17.30 -11.63 14.14
C LEU B 5 -17.43 -12.29 12.77
N LEU B 6 -18.36 -11.78 11.98
CA LEU B 6 -18.48 -12.23 10.60
C LEU B 6 -18.24 -11.03 9.68
N ARG B 7 -17.20 -11.13 8.87
CA ARG B 7 -16.91 -10.08 7.90
C ARG B 7 -17.22 -10.56 6.48
N VAL B 8 -18.01 -9.78 5.75
CA VAL B 8 -18.40 -10.14 4.40
C VAL B 8 -18.17 -8.96 3.46
N TYR B 9 -17.29 -9.16 2.47
CA TYR B 9 -16.98 -8.12 1.49
C TYR B 9 -17.70 -8.44 0.18
N ILE B 10 -18.62 -7.56 -0.21
CA ILE B 10 -19.35 -7.74 -1.45
C ILE B 10 -18.59 -7.01 -2.55
N ASP B 11 -18.12 -7.74 -3.56
CA ASP B 11 -17.25 -7.10 -4.54
C ASP B 11 -17.61 -7.52 -5.94
N GLY B 12 -16.88 -7.00 -6.92
CA GLY B 12 -17.15 -7.32 -8.31
C GLY B 12 -17.29 -6.06 -9.14
N PRO B 13 -17.55 -6.22 -10.43
CA PRO B 13 -17.76 -5.07 -11.31
C PRO B 13 -18.87 -4.15 -10.81
N HIS B 14 -18.73 -2.87 -11.14
CA HIS B 14 -19.78 -1.91 -10.89
C HIS B 14 -21.00 -2.24 -11.74
N GLY B 15 -22.17 -1.81 -11.26
CA GLY B 15 -23.39 -1.90 -12.04
C GLY B 15 -24.15 -3.21 -11.90
N MET B 16 -23.79 -4.05 -10.93
CA MET B 16 -24.43 -5.35 -10.79
C MET B 16 -25.56 -5.35 -9.76
N GLY B 17 -25.55 -4.37 -8.86
CA GLY B 17 -26.54 -4.29 -7.79
C GLY B 17 -25.96 -4.65 -6.43
N LYS B 18 -24.63 -4.61 -6.32
CA LYS B 18 -23.93 -4.91 -5.08
C LYS B 18 -24.41 -4.05 -3.91
N THR B 19 -24.46 -2.74 -4.14
CA THR B 19 -24.78 -1.79 -3.08
C THR B 19 -26.19 -1.98 -2.55
N THR B 20 -27.15 -2.14 -3.45
CA THR B 20 -28.53 -2.42 -3.05
C THR B 20 -28.63 -3.70 -2.22
N THR B 21 -27.94 -4.75 -2.67
CA THR B 21 -28.02 -6.05 -2.00
C THR B 21 -27.49 -5.95 -0.58
N THR B 22 -26.40 -5.21 -0.43
CA THR B 22 -25.80 -5.00 0.86
C THR B 22 -26.75 -4.31 1.86
N GLN B 23 -27.42 -3.25 1.42
CA GLN B 23 -28.38 -2.54 2.25
C GLN B 23 -29.57 -3.44 2.60
N LEU B 24 -30.05 -4.19 1.62
CA LEU B 24 -31.22 -5.04 1.86
C LEU B 24 -30.90 -6.08 2.93
N LEU B 25 -29.71 -6.66 2.85
CA LEU B 25 -29.28 -7.67 3.80
C LEU B 25 -29.17 -7.07 5.20
N VAL B 26 -28.56 -5.90 5.28
CA VAL B 26 -28.41 -5.20 6.56
C VAL B 26 -29.76 -4.81 7.16
N ALA B 27 -30.73 -4.45 6.33
CA ALA B 27 -32.03 -4.05 6.83
C ALA B 27 -32.82 -5.21 7.50
N LEU B 28 -32.35 -6.44 7.32
CA LEU B 28 -32.96 -7.61 7.93
C LEU B 28 -32.61 -7.74 9.41
N GLY B 29 -31.45 -7.23 9.79
CA GLY B 29 -30.94 -7.46 11.13
C GLY B 29 -31.39 -6.43 12.14
N SER B 30 -31.25 -6.77 13.41
CA SER B 30 -31.41 -5.80 14.48
C SER B 30 -30.32 -4.75 14.27
N ARG B 31 -30.62 -3.52 14.67
CA ARG B 31 -29.71 -2.40 14.44
C ARG B 31 -28.27 -2.70 14.82
N ASP B 32 -28.05 -3.20 16.03
CA ASP B 32 -26.69 -3.31 16.55
C ASP B 32 -26.08 -4.72 16.57
N ASP B 33 -26.37 -5.52 15.55
CA ASP B 33 -25.63 -6.77 15.38
C ASP B 33 -25.23 -7.01 13.91
N ILE B 34 -25.54 -6.03 13.06
CA ILE B 34 -25.06 -6.02 11.69
C ILE B 34 -24.85 -4.58 11.23
N VAL B 35 -23.68 -4.29 10.69
CA VAL B 35 -23.38 -2.94 10.22
C VAL B 35 -22.88 -2.93 8.77
N TYR B 36 -23.28 -1.89 8.05
CA TYR B 36 -22.99 -1.69 6.63
C TYR B 36 -21.82 -0.72 6.45
N VAL B 37 -20.80 -1.15 5.73
CA VAL B 37 -19.65 -0.28 5.43
C VAL B 37 -19.62 0.10 3.95
N PRO B 38 -20.15 1.28 3.62
CA PRO B 38 -20.46 1.68 2.25
C PRO B 38 -19.23 1.99 1.43
N GLU B 39 -19.39 2.13 0.12
CA GLU B 39 -18.36 2.77 -0.69
C GLU B 39 -18.15 4.17 -0.13
N PRO B 40 -16.90 4.60 0.04
CA PRO B 40 -16.57 5.92 0.59
C PRO B 40 -16.75 7.03 -0.45
N MET B 41 -17.96 7.12 -0.97
CA MET B 41 -18.30 8.03 -2.06
C MET B 41 -17.94 9.50 -1.76
N THR B 42 -18.11 9.91 -0.52
CA THR B 42 -17.80 11.29 -0.13
C THR B 42 -16.28 11.50 -0.17
N TYR B 43 -15.52 10.47 0.17
CA TYR B 43 -14.07 10.56 0.06
C TYR B 43 -13.66 10.71 -1.40
N TRP B 44 -14.21 9.86 -2.25
CA TRP B 44 -13.94 9.87 -3.68
C TRP B 44 -14.31 11.19 -4.37
N ARG B 45 -15.37 11.84 -3.90
CA ARG B 45 -15.92 12.98 -4.61
C ARG B 45 -15.46 14.31 -4.04
N VAL B 46 -15.09 14.31 -2.76
CA VAL B 46 -14.79 15.55 -2.03
C VAL B 46 -13.55 15.52 -1.13
N LEU B 47 -13.50 14.58 -0.19
CA LEU B 47 -12.47 14.66 0.86
C LEU B 47 -11.06 14.30 0.38
N GLY B 48 -10.97 13.27 -0.45
CA GLY B 48 -9.67 12.79 -0.88
C GLY B 48 -9.12 13.59 -2.04
N ALA B 49 -10.01 13.95 -2.96
CA ALA B 49 -9.68 14.75 -4.13
C ALA B 49 -11.03 15.19 -4.70
N SER B 50 -11.01 15.97 -5.76
CA SER B 50 -12.27 16.45 -6.32
C SER B 50 -12.79 15.57 -7.45
N GLU B 51 -14.00 15.04 -7.28
CA GLU B 51 -14.67 14.21 -8.30
C GLU B 51 -13.75 13.16 -8.94
N THR B 52 -13.23 12.25 -8.12
CA THR B 52 -12.25 11.27 -8.61
C THR B 52 -12.85 10.33 -9.64
N ILE B 53 -14.08 9.90 -9.40
CA ILE B 53 -14.74 9.02 -10.36
C ILE B 53 -14.86 9.69 -11.72
N ALA B 54 -15.30 10.95 -11.73
CA ALA B 54 -15.39 11.75 -12.96
C ALA B 54 -14.03 11.88 -13.65
N ASN B 55 -13.00 12.13 -12.87
CA ASN B 55 -11.63 12.20 -13.38
C ASN B 55 -11.20 10.91 -14.11
N ILE B 56 -11.49 9.77 -13.48
CA ILE B 56 -11.16 8.45 -14.05
C ILE B 56 -11.78 8.27 -15.44
N TYR B 57 -13.10 8.43 -15.53
CA TYR B 57 -13.80 8.22 -16.79
C TYR B 57 -13.48 9.27 -17.86
N THR B 58 -13.25 10.51 -17.45
CA THR B 58 -12.88 11.57 -18.38
C THR B 58 -11.49 11.28 -18.97
N THR B 59 -10.57 10.84 -18.12
CA THR B 59 -9.21 10.53 -18.54
C THR B 59 -9.17 9.37 -19.55
N GLN B 60 -9.86 8.28 -19.25
CA GLN B 60 -9.96 7.17 -20.20
C GLN B 60 -10.51 7.64 -21.54
N HIS B 61 -11.53 8.49 -21.49
CA HIS B 61 -12.18 8.99 -22.69
C HIS B 61 -11.22 9.83 -23.51
N ARG B 62 -10.48 10.72 -22.86
CA ARG B 62 -9.51 11.55 -23.55
C ARG B 62 -8.35 10.72 -24.13
N LEU B 63 -8.06 9.59 -23.50
CA LEU B 63 -7.06 8.66 -24.05
C LEU B 63 -7.63 8.02 -25.32
N ASP B 64 -8.83 7.48 -25.21
CA ASP B 64 -9.50 6.84 -26.32
C ASP B 64 -9.60 7.77 -27.53
N GLN B 65 -9.88 9.05 -27.26
CA GLN B 65 -10.01 10.07 -28.30
C GLN B 65 -8.64 10.53 -28.81
N GLY B 66 -7.58 10.08 -28.16
CA GLY B 66 -6.23 10.46 -28.54
C GLY B 66 -5.90 11.91 -28.21
N GLU B 67 -6.52 12.44 -27.16
CA GLU B 67 -6.31 13.83 -26.77
C GLU B 67 -5.19 13.98 -25.74
N ILE B 68 -4.77 12.84 -25.19
CA ILE B 68 -3.65 12.78 -24.26
C ILE B 68 -2.88 11.49 -24.55
N SER B 69 -1.64 11.42 -24.09
CA SER B 69 -0.82 10.23 -24.32
C SER B 69 -1.14 9.15 -23.29
N ALA B 70 -0.67 7.94 -23.55
CA ALA B 70 -0.79 6.85 -22.60
C ALA B 70 -0.09 7.22 -21.30
N GLY B 71 1.08 7.85 -21.45
CA GLY B 71 1.84 8.33 -20.30
C GLY B 71 1.05 9.26 -19.39
N ASP B 72 0.43 10.28 -19.98
CA ASP B 72 -0.36 11.25 -19.21
C ASP B 72 -1.55 10.58 -18.56
N ALA B 73 -2.16 9.63 -19.27
CA ALA B 73 -3.34 8.95 -18.75
C ALA B 73 -2.93 8.09 -17.55
N ALA B 74 -1.79 7.44 -17.68
CA ALA B 74 -1.26 6.58 -16.63
C ALA B 74 -1.02 7.30 -15.32
N VAL B 75 -0.41 8.49 -15.37
CA VAL B 75 -0.11 9.19 -14.14
C VAL B 75 -1.39 9.67 -13.44
N VAL B 76 -2.38 10.07 -14.24
CA VAL B 76 -3.67 10.47 -13.68
C VAL B 76 -4.40 9.25 -13.11
N MET B 77 -4.42 8.17 -13.87
CA MET B 77 -5.14 6.98 -13.46
C MET B 77 -4.49 6.41 -12.19
N THR B 78 -3.17 6.37 -12.15
CA THR B 78 -2.44 5.83 -11.00
C THR B 78 -2.71 6.62 -9.73
N SER B 79 -2.59 7.95 -9.81
CA SER B 79 -2.89 8.83 -8.67
C SER B 79 -4.33 8.72 -8.23
N ALA B 80 -5.23 8.62 -9.19
CA ALA B 80 -6.64 8.50 -8.87
C ALA B 80 -6.93 7.18 -8.17
N GLN B 81 -6.29 6.09 -8.62
CA GLN B 81 -6.52 4.79 -7.98
C GLN B 81 -6.00 4.75 -6.54
N ILE B 82 -4.91 5.47 -6.30
CA ILE B 82 -4.41 5.64 -4.95
C ILE B 82 -5.47 6.32 -4.08
N THR B 83 -6.12 7.34 -4.64
CA THR B 83 -7.19 8.05 -3.93
C THR B 83 -8.38 7.12 -3.69
N MET B 84 -8.73 6.33 -4.70
CA MET B 84 -9.86 5.42 -4.57
C MET B 84 -9.68 4.45 -3.39
N GLY B 85 -8.47 3.96 -3.22
CA GLY B 85 -8.23 2.90 -2.25
C GLY B 85 -8.02 3.33 -0.82
N MET B 86 -7.66 4.60 -0.62
CA MET B 86 -7.27 5.07 0.72
C MET B 86 -8.24 4.67 1.87
N PRO B 87 -9.53 4.96 1.75
CA PRO B 87 -10.41 4.58 2.87
C PRO B 87 -10.46 3.07 3.14
N TYR B 88 -10.29 2.27 2.08
CA TYR B 88 -10.27 0.82 2.24
C TYR B 88 -9.03 0.40 3.00
N ALA B 89 -7.88 0.99 2.63
CA ALA B 89 -6.63 0.66 3.32
C ALA B 89 -6.67 1.05 4.79
N VAL B 90 -7.14 2.28 5.10
CA VAL B 90 -7.11 2.70 6.50
C VAL B 90 -8.04 1.84 7.34
N THR B 91 -9.24 1.61 6.84
CA THR B 91 -10.21 0.78 7.54
C THR B 91 -9.67 -0.64 7.84
N ASP B 92 -9.02 -1.24 6.86
CA ASP B 92 -8.37 -2.53 7.05
C ASP B 92 -7.27 -2.46 8.10
N ALA B 93 -6.51 -1.36 8.09
CA ALA B 93 -5.40 -1.24 9.03
C ALA B 93 -5.93 -1.05 10.47
N VAL B 94 -7.04 -0.35 10.63
CA VAL B 94 -7.57 -0.11 11.98
C VAL B 94 -8.35 -1.30 12.51
N LEU B 95 -8.93 -2.09 11.61
CA LEU B 95 -9.63 -3.30 12.01
C LEU B 95 -8.65 -4.41 12.40
N ALA B 96 -7.55 -4.53 11.67
CA ALA B 96 -6.60 -5.63 11.80
C ALA B 96 -6.29 -6.13 13.22
N PRO B 97 -5.88 -5.24 14.14
CA PRO B 97 -5.52 -5.77 15.47
C PRO B 97 -6.71 -6.28 16.28
N HIS B 98 -7.93 -6.08 15.79
CA HIS B 98 -9.12 -6.55 16.46
C HIS B 98 -9.47 -7.98 16.09
N ILE B 99 -8.92 -8.45 14.97
CA ILE B 99 -9.30 -9.74 14.42
C ILE B 99 -8.47 -10.90 14.99
N GLY B 100 -9.14 -11.92 15.52
CA GLY B 100 -8.46 -13.11 16.00
C GLY B 100 -8.49 -14.26 15.02
N GLY B 101 -8.30 -15.48 15.51
CA GLY B 101 -8.29 -16.66 14.67
C GLY B 101 -9.68 -17.05 14.19
N GLU B 102 -9.72 -17.86 13.13
CA GLU B 102 -11.00 -18.35 12.60
C GLU B 102 -11.70 -19.25 13.60
N ALA B 103 -13.02 -19.08 13.71
CA ALA B 103 -13.81 -19.77 14.73
C ALA B 103 -14.71 -20.84 14.12
N PRO B 109 -22.80 -20.97 16.74
CA PRO B 109 -23.66 -19.88 17.23
C PRO B 109 -23.54 -18.66 16.32
N PRO B 110 -24.59 -17.83 16.26
CA PRO B 110 -24.55 -16.62 15.44
C PRO B 110 -23.43 -15.68 15.89
N PRO B 111 -22.83 -14.96 14.94
CA PRO B 111 -21.79 -13.98 15.29
C PRO B 111 -22.34 -12.90 16.21
N ALA B 112 -21.53 -12.46 17.15
CA ALA B 112 -21.89 -11.31 17.99
C ALA B 112 -22.11 -10.08 17.11
N LEU B 113 -21.32 -9.99 16.03
CA LEU B 113 -21.41 -8.86 15.10
C LEU B 113 -21.12 -9.29 13.67
N THR B 114 -21.93 -8.82 12.72
CA THR B 114 -21.67 -9.02 11.31
C THR B 114 -21.35 -7.67 10.64
N LEU B 115 -20.27 -7.63 9.87
CA LEU B 115 -19.91 -6.44 9.09
C LEU B 115 -20.02 -6.76 7.61
N ILE B 116 -20.90 -6.05 6.91
CA ILE B 116 -20.98 -6.19 5.46
C ILE B 116 -20.27 -5.01 4.80
N PHE B 117 -19.21 -5.28 4.05
CA PHE B 117 -18.48 -4.22 3.36
C PHE B 117 -18.90 -4.12 1.90
N ASP B 118 -19.02 -2.89 1.44
CA ASP B 118 -19.13 -2.62 0.02
C ASP B 118 -17.71 -2.58 -0.57
N ARG B 119 -17.28 -3.71 -1.13
CA ARG B 119 -15.94 -3.92 -1.68
C ARG B 119 -14.86 -4.21 -0.64
N HIS B 120 -13.88 -5.01 -1.07
CA HIS B 120 -12.66 -5.30 -0.31
C HIS B 120 -11.55 -4.35 -0.81
N PRO B 121 -10.48 -4.18 -0.03
CA PRO B 121 -9.28 -3.48 -0.51
C PRO B 121 -8.75 -3.91 -1.89
N ILE B 122 -8.91 -5.18 -2.27
CA ILE B 122 -8.38 -5.62 -3.56
C ILE B 122 -9.08 -5.02 -4.77
N ALA B 123 -10.28 -4.47 -4.57
CA ALA B 123 -10.94 -3.81 -5.68
C ALA B 123 -10.07 -2.65 -6.16
N ALA B 124 -9.70 -1.76 -5.25
CA ALA B 124 -8.89 -0.59 -5.60
C ALA B 124 -7.39 -0.87 -5.71
N LEU B 125 -6.91 -1.89 -5.00
CA LEU B 125 -5.47 -2.20 -5.01
C LEU B 125 -5.09 -3.26 -6.03
N LEU B 126 -6.06 -3.82 -6.74
CA LEU B 126 -5.77 -4.90 -7.69
C LEU B 126 -6.69 -4.90 -8.91
N CYS B 127 -8.01 -4.94 -8.67
CA CYS B 127 -8.93 -5.23 -9.75
C CYS B 127 -9.08 -4.07 -10.74
N TYR B 128 -9.39 -2.89 -10.23
CA TYR B 128 -9.51 -1.71 -11.09
C TYR B 128 -8.18 -1.32 -11.75
N PRO B 129 -7.05 -1.40 -11.01
CA PRO B 129 -5.78 -1.12 -11.70
C PRO B 129 -5.50 -2.13 -12.83
N ALA B 130 -5.73 -3.41 -12.57
CA ALA B 130 -5.53 -4.43 -13.60
C ALA B 130 -6.44 -4.14 -14.81
N ALA B 131 -7.68 -3.76 -14.55
CA ALA B 131 -8.62 -3.47 -15.63
C ALA B 131 -8.17 -2.24 -16.43
N ARG B 132 -7.73 -1.21 -15.72
CA ARG B 132 -7.19 -0.02 -16.40
C ARG B 132 -5.94 -0.35 -17.20
N TYR B 133 -5.12 -1.27 -16.70
CA TYR B 133 -3.98 -1.71 -17.48
C TYR B 133 -4.45 -2.36 -18.80
N LEU B 134 -5.54 -3.12 -18.74
CA LEU B 134 -6.10 -3.72 -19.96
C LEU B 134 -6.69 -2.66 -20.88
N MET B 135 -7.07 -1.52 -20.31
CA MET B 135 -7.63 -0.41 -21.09
C MET B 135 -6.55 0.53 -21.62
N GLY B 136 -5.31 0.24 -21.29
CA GLY B 136 -4.18 1.03 -21.77
C GLY B 136 -3.93 2.32 -21.02
N SER B 137 -4.45 2.42 -19.80
CA SER B 137 -4.33 3.67 -19.04
C SER B 137 -3.55 3.50 -17.74
N MET B 138 -2.93 2.33 -17.55
CA MET B 138 -1.97 2.13 -16.47
C MET B 138 -0.90 1.12 -16.92
N THR B 139 0.30 1.26 -16.38
CA THR B 139 1.39 0.35 -16.72
C THR B 139 1.25 -0.92 -15.88
N PRO B 140 1.76 -2.05 -16.40
CA PRO B 140 1.69 -3.25 -15.56
C PRO B 140 2.62 -3.12 -14.35
N GLN B 141 3.67 -2.31 -14.45
CA GLN B 141 4.54 -2.09 -13.30
C GLN B 141 3.80 -1.41 -12.15
N ALA B 142 2.99 -0.42 -12.48
CA ALA B 142 2.19 0.26 -11.45
C ALA B 142 1.16 -0.70 -10.84
N VAL B 143 0.50 -1.51 -11.67
CA VAL B 143 -0.42 -2.53 -11.13
C VAL B 143 0.31 -3.39 -10.09
N LEU B 144 1.55 -3.78 -10.39
CA LEU B 144 2.30 -4.62 -9.47
C LEU B 144 2.79 -3.90 -8.22
N ALA B 145 2.95 -2.58 -8.31
CA ALA B 145 3.20 -1.76 -7.13
C ALA B 145 1.98 -1.77 -6.19
N PHE B 146 0.79 -1.61 -6.76
CA PHE B 146 -0.46 -1.72 -5.99
C PHE B 146 -0.58 -3.10 -5.33
N VAL B 147 -0.25 -4.14 -6.10
CA VAL B 147 -0.31 -5.52 -5.58
C VAL B 147 0.64 -5.72 -4.42
N ALA B 148 1.85 -5.18 -4.54
CA ALA B 148 2.84 -5.29 -3.48
C ALA B 148 2.36 -4.66 -2.18
N LEU B 149 1.45 -3.69 -2.29
CA LEU B 149 0.96 -2.95 -1.13
C LEU B 149 -0.37 -3.50 -0.58
N ILE B 150 -0.87 -4.59 -1.16
CA ILE B 150 -2.09 -5.20 -0.63
C ILE B 150 -1.80 -5.65 0.79
N PRO B 151 -2.63 -5.23 1.75
CA PRO B 151 -2.40 -5.56 3.15
C PRO B 151 -2.52 -7.06 3.40
N PRO B 152 -1.85 -7.57 4.45
CA PRO B 152 -1.94 -9.00 4.75
C PRO B 152 -3.40 -9.37 4.94
N THR B 153 -3.78 -10.50 4.37
CA THR B 153 -5.17 -10.95 4.36
C THR B 153 -5.60 -11.43 5.73
N LEU B 154 -6.49 -10.70 6.36
CA LEU B 154 -6.99 -11.06 7.67
C LEU B 154 -7.72 -12.41 7.64
N PRO B 155 -7.69 -13.14 8.76
CA PRO B 155 -8.49 -14.35 8.90
C PRO B 155 -9.96 -14.02 8.69
N GLY B 156 -10.71 -14.95 8.13
CA GLY B 156 -12.14 -14.78 7.95
C GLY B 156 -12.50 -13.75 6.89
N THR B 157 -11.68 -13.66 5.86
CA THR B 157 -11.95 -12.77 4.75
C THR B 157 -12.83 -13.47 3.74
N ASN B 158 -14.13 -13.25 3.88
CA ASN B 158 -15.12 -13.78 2.96
C ASN B 158 -15.44 -12.76 1.89
N ILE B 159 -15.16 -13.11 0.65
CA ILE B 159 -15.48 -12.22 -0.44
C ILE B 159 -16.54 -12.81 -1.32
N VAL B 160 -17.58 -12.03 -1.56
CA VAL B 160 -18.67 -12.41 -2.44
C VAL B 160 -18.54 -11.70 -3.77
N LEU B 161 -18.32 -12.45 -4.84
CA LEU B 161 -18.23 -11.86 -6.17
C LEU B 161 -19.51 -12.09 -6.93
N GLY B 162 -19.74 -11.30 -7.97
CA GLY B 162 -20.97 -11.37 -8.74
C GLY B 162 -20.91 -12.23 -9.99
N ALA B 163 -22.04 -12.86 -10.28
CA ALA B 163 -22.27 -13.52 -11.58
C ALA B 163 -23.48 -12.85 -12.23
N LEU B 164 -23.37 -12.60 -13.53
CA LEU B 164 -24.38 -11.83 -14.25
C LEU B 164 -24.05 -11.86 -15.73
N PRO B 165 -25.01 -12.30 -16.55
CA PRO B 165 -24.80 -12.35 -18.00
C PRO B 165 -24.45 -10.98 -18.56
N GLU B 166 -23.52 -10.94 -19.52
CA GLU B 166 -23.00 -9.68 -20.03
C GLU B 166 -24.09 -8.78 -20.62
N ASP B 167 -25.08 -9.40 -21.26
CA ASP B 167 -26.18 -8.64 -21.86
C ASP B 167 -27.04 -7.94 -20.81
N ARG B 168 -27.38 -8.66 -19.74
CA ARG B 168 -28.16 -8.09 -18.64
C ARG B 168 -27.33 -7.01 -17.94
N HIS B 169 -26.03 -7.27 -17.80
CA HIS B 169 -25.12 -6.33 -17.15
C HIS B 169 -25.06 -5.01 -17.93
N ILE B 170 -24.94 -5.11 -19.24
CA ILE B 170 -24.87 -3.93 -20.10
C ILE B 170 -26.16 -3.12 -20.02
N ASP B 171 -27.30 -3.82 -20.03
CA ASP B 171 -28.60 -3.16 -19.87
C ASP B 171 -28.66 -2.43 -18.53
N ARG B 172 -28.23 -3.12 -17.47
CA ARG B 172 -28.25 -2.52 -16.14
C ARG B 172 -27.40 -1.25 -16.08
N LEU B 173 -26.24 -1.29 -16.73
CA LEU B 173 -25.33 -0.15 -16.70
C LEU B 173 -25.86 1.02 -17.52
N ALA B 174 -26.36 0.73 -18.72
CA ALA B 174 -26.87 1.76 -19.63
C ALA B 174 -28.03 2.55 -19.03
N LYS B 175 -28.61 2.04 -17.95
CA LYS B 175 -29.58 2.78 -17.15
C LYS B 175 -28.99 3.06 -15.77
N ARG B 176 -29.24 2.15 -14.84
CA ARG B 176 -28.77 2.27 -13.46
C ARG B 176 -27.27 2.04 -13.35
N PRO B 179 -22.35 11.87 -10.39
CA PRO B 179 -21.66 10.59 -10.59
C PRO B 179 -20.27 10.81 -11.17
N GLY B 180 -20.23 11.19 -12.44
CA GLY B 180 -18.97 11.35 -13.17
C GLY B 180 -18.72 10.19 -14.12
N GLU B 181 -19.57 9.17 -14.06
CA GLU B 181 -19.37 7.99 -14.90
C GLU B 181 -19.76 8.25 -16.35
N ARG B 182 -19.14 7.49 -17.25
CA ARG B 182 -19.51 7.47 -18.66
C ARG B 182 -19.64 6.02 -19.10
N LEU B 183 -20.56 5.75 -20.02
CA LEU B 183 -20.83 4.37 -20.43
C LEU B 183 -19.72 3.81 -21.34
N ASP B 184 -18.86 3.00 -20.73
CA ASP B 184 -17.72 2.43 -21.44
C ASP B 184 -17.84 0.92 -21.34
N LEU B 185 -18.28 0.31 -22.43
CA LEU B 185 -18.47 -1.14 -22.49
C LEU B 185 -17.14 -1.90 -22.55
N ALA B 186 -16.09 -1.23 -23.03
CA ALA B 186 -14.77 -1.85 -23.07
C ALA B 186 -14.25 -2.04 -21.65
N MET B 187 -14.41 -1.01 -20.82
CA MET B 187 -14.06 -1.05 -19.41
C MET B 187 -14.92 -2.08 -18.67
N LEU B 188 -16.20 -2.16 -19.03
CA LEU B 188 -17.09 -3.16 -18.45
C LEU B 188 -16.58 -4.56 -18.74
N ALA B 189 -16.19 -4.81 -19.99
CA ALA B 189 -15.64 -6.10 -20.36
C ALA B 189 -14.34 -6.40 -19.59
N ALA B 190 -13.49 -5.39 -19.48
CA ALA B 190 -12.22 -5.52 -18.77
C ALA B 190 -12.40 -5.86 -17.29
N ILE B 191 -13.27 -5.13 -16.60
CA ILE B 191 -13.47 -5.38 -15.17
C ILE B 191 -14.18 -6.72 -14.92
N ARG B 192 -15.10 -7.09 -15.79
CA ARG B 192 -15.71 -8.41 -15.72
C ARG B 192 -14.67 -9.51 -15.88
N ARG B 193 -13.80 -9.36 -16.88
CA ARG B 193 -12.71 -10.33 -17.08
C ARG B 193 -11.83 -10.42 -15.84
N VAL B 194 -11.44 -9.26 -15.30
CA VAL B 194 -10.55 -9.24 -14.15
C VAL B 194 -11.14 -9.94 -12.93
N TYR B 195 -12.41 -9.69 -12.63
CA TYR B 195 -13.03 -10.37 -11.48
C TYR B 195 -13.22 -11.86 -11.75
N GLY B 196 -13.48 -12.22 -13.00
CA GLY B 196 -13.52 -13.64 -13.37
C GLY B 196 -12.17 -14.30 -13.18
N LEU B 197 -11.10 -13.63 -13.61
CA LEU B 197 -9.75 -14.10 -13.38
C LEU B 197 -9.47 -14.24 -11.87
N LEU B 198 -9.90 -13.23 -11.10
CA LEU B 198 -9.73 -13.27 -9.65
C LEU B 198 -10.34 -14.52 -9.02
N ALA B 199 -11.62 -14.77 -9.29
CA ALA B 199 -12.30 -15.96 -8.81
C ALA B 199 -11.50 -17.22 -9.12
N ASN B 200 -11.06 -17.34 -10.37
CA ASN B 200 -10.25 -18.48 -10.78
C ASN B 200 -8.90 -18.56 -10.07
N THR B 201 -8.33 -17.39 -9.76
CA THR B 201 -7.00 -17.35 -9.15
C THR B 201 -7.06 -17.92 -7.74
N VAL B 202 -8.08 -17.53 -6.99
CA VAL B 202 -8.29 -18.08 -5.66
C VAL B 202 -8.47 -19.61 -5.71
N ARG B 203 -9.29 -20.08 -6.63
CA ARG B 203 -9.54 -21.53 -6.73
C ARG B 203 -8.24 -22.27 -7.14
N TYR B 204 -7.54 -21.71 -8.12
CA TYR B 204 -6.25 -22.23 -8.57
C TYR B 204 -5.28 -22.39 -7.40
N LEU B 205 -5.18 -21.36 -6.56
CA LEU B 205 -4.26 -21.38 -5.42
C LEU B 205 -4.67 -22.38 -4.36
N GLN B 206 -5.97 -22.40 -4.06
CA GLN B 206 -6.47 -23.28 -3.02
C GLN B 206 -6.41 -24.74 -3.47
N CYS B 207 -6.35 -24.97 -4.78
CA CYS B 207 -6.16 -26.32 -5.31
C CYS B 207 -4.67 -26.71 -5.36
N GLY B 208 -3.80 -25.83 -4.87
CA GLY B 208 -2.39 -26.13 -4.78
C GLY B 208 -1.54 -25.63 -5.93
N GLY B 209 -2.14 -24.84 -6.82
CA GLY B 209 -1.43 -24.29 -7.96
C GLY B 209 -0.23 -23.43 -7.56
N SER B 210 0.84 -23.57 -8.32
CA SER B 210 2.07 -22.85 -8.09
C SER B 210 2.38 -22.14 -9.38
N TRP B 211 2.24 -20.81 -9.39
CA TRP B 211 2.35 -20.05 -10.63
C TRP B 211 3.73 -20.19 -11.24
N ARG B 212 4.75 -20.26 -10.39
CA ARG B 212 6.12 -20.42 -10.88
C ARG B 212 6.28 -21.74 -11.63
N GLU B 213 5.68 -22.80 -11.12
CA GLU B 213 5.75 -24.10 -11.78
C GLU B 213 4.97 -24.10 -13.10
N ASP B 214 3.89 -23.33 -13.15
CA ASP B 214 3.03 -23.32 -14.33
C ASP B 214 3.27 -22.16 -15.29
N TRP B 215 4.18 -21.25 -14.93
CA TRP B 215 4.45 -20.05 -15.72
C TRP B 215 4.67 -20.35 -17.20
N GLY B 216 5.41 -21.42 -17.48
CA GLY B 216 5.73 -21.78 -18.85
C GLY B 216 4.52 -22.21 -19.67
N GLN B 217 3.40 -22.44 -19.01
CA GLN B 217 2.19 -22.87 -19.71
C GLN B 217 1.41 -21.72 -20.32
N LEU B 218 1.86 -20.48 -20.08
CA LEU B 218 1.18 -19.32 -20.64
C LEU B 218 1.57 -19.12 -22.09
N PRO B 230 -17.23 -18.10 -14.48
CA PRO B 230 -16.44 -18.91 -13.56
C PRO B 230 -17.09 -19.07 -12.19
N GLN B 231 -16.30 -19.52 -11.22
CA GLN B 231 -16.74 -19.72 -9.83
C GLN B 231 -15.54 -20.10 -8.96
N SER B 232 -15.66 -19.90 -7.65
CA SER B 232 -14.66 -20.45 -6.74
C SER B 232 -15.25 -21.15 -5.51
N ASN B 233 -14.35 -21.73 -4.72
CA ASN B 233 -14.70 -22.61 -3.62
C ASN B 233 -15.49 -23.79 -4.17
N ALA B 234 -15.28 -24.07 -5.46
CA ALA B 234 -15.85 -25.23 -6.14
C ALA B 234 -15.10 -25.54 -7.44
N GLY B 235 -15.16 -26.79 -7.89
CA GLY B 235 -14.67 -27.15 -9.21
C GLY B 235 -13.20 -27.54 -9.24
N PRO B 236 -12.72 -27.92 -10.42
CA PRO B 236 -11.33 -28.37 -10.55
C PRO B 236 -10.36 -27.18 -10.62
N ARG B 237 -9.07 -27.46 -10.63
CA ARG B 237 -8.06 -26.41 -10.71
C ARG B 237 -8.03 -25.78 -12.11
N PRO B 238 -8.24 -24.45 -12.18
CA PRO B 238 -8.14 -23.74 -13.45
C PRO B 238 -6.73 -23.83 -14.06
N HIS B 239 -6.65 -23.64 -15.37
CA HIS B 239 -5.38 -23.43 -16.04
C HIS B 239 -4.85 -22.03 -15.64
N ILE B 240 -3.54 -21.89 -15.49
CA ILE B 240 -2.95 -20.60 -15.13
C ILE B 240 -3.36 -19.48 -16.11
N GLY B 241 -3.57 -19.84 -17.37
CA GLY B 241 -4.02 -18.88 -18.37
C GLY B 241 -5.41 -18.31 -18.10
N ASP B 242 -6.13 -18.90 -17.14
CA ASP B 242 -7.44 -18.40 -16.76
C ASP B 242 -7.39 -17.73 -15.38
N THR B 243 -6.17 -17.41 -14.91
CA THR B 243 -6.01 -16.73 -13.64
C THR B 243 -5.37 -15.34 -13.86
N LEU B 244 -5.23 -14.56 -12.79
CA LEU B 244 -4.65 -13.21 -12.92
C LEU B 244 -3.19 -13.26 -13.38
N PHE B 245 -2.54 -14.39 -13.14
CA PHE B 245 -1.13 -14.52 -13.49
C PHE B 245 -0.88 -14.28 -14.97
N THR B 246 -1.86 -14.63 -15.78
CA THR B 246 -1.74 -14.46 -17.22
C THR B 246 -1.60 -13.00 -17.66
N LEU B 247 -2.09 -12.06 -16.85
CA LEU B 247 -2.04 -10.65 -17.25
C LEU B 247 -0.60 -10.11 -17.24
N PHE B 248 0.28 -10.78 -16.52
CA PHE B 248 1.61 -10.26 -16.25
C PHE B 248 2.71 -10.88 -17.11
N ARG B 249 2.32 -11.56 -18.18
CA ARG B 249 3.26 -11.92 -19.23
C ARG B 249 3.32 -10.76 -20.22
N ALA B 250 3.87 -9.64 -19.76
CA ALA B 250 3.92 -8.43 -20.57
C ALA B 250 5.38 -8.12 -20.87
N PRO B 251 5.66 -7.56 -22.05
CA PRO B 251 7.04 -7.30 -22.47
C PRO B 251 7.77 -6.40 -21.48
N GLU B 252 7.04 -5.48 -20.85
CA GLU B 252 7.63 -4.56 -19.88
C GLU B 252 8.26 -5.29 -18.71
N LEU B 253 7.69 -6.45 -18.36
CA LEU B 253 8.10 -7.15 -17.15
C LEU B 253 9.12 -8.24 -17.43
N LEU B 254 9.42 -8.47 -18.70
CA LEU B 254 10.29 -9.60 -19.08
C LEU B 254 11.74 -9.18 -19.35
N ALA B 255 12.67 -9.87 -18.72
CA ALA B 255 14.10 -9.70 -18.95
C ALA B 255 14.48 -10.16 -20.37
N PRO B 256 15.62 -9.66 -20.88
CA PRO B 256 16.19 -10.12 -22.16
C PRO B 256 16.11 -11.63 -22.34
N ASN B 257 16.37 -12.40 -21.28
CA ASN B 257 16.30 -13.86 -21.37
C ASN B 257 14.87 -14.41 -21.48
N GLY B 258 13.88 -13.54 -21.32
CA GLY B 258 12.50 -13.94 -21.49
C GLY B 258 11.77 -14.34 -20.23
N ASP B 259 12.48 -14.42 -19.11
CA ASP B 259 11.77 -14.64 -17.83
C ASP B 259 11.38 -13.29 -17.20
N LEU B 260 10.45 -13.32 -16.25
CA LEU B 260 10.11 -12.14 -15.47
C LEU B 260 11.33 -11.65 -14.70
N TYR B 261 11.49 -10.35 -14.62
CA TYR B 261 12.43 -9.81 -13.65
C TYR B 261 12.02 -10.31 -12.28
N ASN B 262 13.00 -10.55 -11.42
CA ASN B 262 12.70 -11.06 -10.08
C ASN B 262 11.76 -10.12 -9.28
N VAL B 263 11.94 -8.80 -9.44
CA VAL B 263 11.11 -7.86 -8.70
C VAL B 263 9.62 -8.06 -9.01
N PHE B 264 9.30 -8.30 -10.28
CA PHE B 264 7.92 -8.54 -10.68
C PHE B 264 7.45 -9.91 -10.22
N ALA B 265 8.35 -10.90 -10.29
CA ALA B 265 8.06 -12.24 -9.82
C ALA B 265 7.70 -12.25 -8.35
N TRP B 266 8.42 -11.46 -7.56
CA TRP B 266 8.12 -11.34 -6.14
C TRP B 266 6.75 -10.71 -5.91
N ALA B 267 6.34 -9.80 -6.77
CA ALA B 267 5.02 -9.20 -6.65
C ALA B 267 3.95 -10.26 -6.92
N LEU B 268 4.21 -11.18 -7.84
CA LEU B 268 3.24 -12.27 -8.07
C LEU B 268 3.20 -13.22 -6.87
N ASP B 269 4.35 -13.46 -6.23
CA ASP B 269 4.39 -14.23 -5.00
C ASP B 269 3.49 -13.60 -3.93
N VAL B 270 3.55 -12.28 -3.82
CA VAL B 270 2.69 -11.58 -2.87
C VAL B 270 1.23 -11.75 -3.26
N LEU B 271 0.96 -11.67 -4.56
CA LEU B 271 -0.40 -11.84 -5.06
C LEU B 271 -0.97 -13.20 -4.66
N ALA B 272 -0.14 -14.24 -4.78
CA ALA B 272 -0.52 -15.60 -4.43
C ALA B 272 -0.80 -15.71 -2.94
N LYS B 273 0.08 -15.11 -2.14
CA LYS B 273 -0.04 -15.16 -0.68
C LYS B 273 -1.34 -14.50 -0.19
N ARG B 274 -1.62 -13.31 -0.72
CA ARG B 274 -2.82 -12.57 -0.30
C ARG B 274 -4.12 -13.27 -0.71
N LEU B 275 -4.17 -13.75 -1.95
CA LEU B 275 -5.42 -14.33 -2.48
C LEU B 275 -5.73 -15.73 -1.95
N ARG B 276 -4.69 -16.47 -1.55
CA ARG B 276 -4.86 -17.90 -1.33
C ARG B 276 -5.60 -18.20 -0.05
N SER B 277 -5.58 -17.26 0.89
CA SER B 277 -6.23 -17.51 2.18
C SER B 277 -7.65 -16.94 2.24
N MET B 278 -8.10 -16.38 1.13
CA MET B 278 -9.45 -15.78 1.05
C MET B 278 -10.54 -16.83 0.85
N HIS B 279 -11.75 -16.51 1.30
CA HIS B 279 -12.88 -17.42 1.13
C HIS B 279 -13.83 -16.77 0.14
N VAL B 280 -13.90 -17.34 -1.05
CA VAL B 280 -14.66 -16.73 -2.14
C VAL B 280 -16.01 -17.40 -2.32
N PHE B 281 -17.04 -16.60 -2.59
CA PHE B 281 -18.38 -17.11 -2.89
C PHE B 281 -18.90 -16.37 -4.09
N ILE B 282 -19.76 -17.02 -4.87
CA ILE B 282 -20.30 -16.35 -6.05
C ILE B 282 -21.78 -16.14 -5.89
N LEU B 283 -22.23 -14.90 -6.08
CA LEU B 283 -23.64 -14.57 -5.94
C LEU B 283 -24.22 -14.28 -7.32
N ASP B 284 -25.34 -14.90 -7.64
CA ASP B 284 -26.05 -14.65 -8.90
C ASP B 284 -26.91 -13.39 -8.81
N TYR B 285 -26.48 -12.34 -9.51
CA TYR B 285 -27.22 -11.07 -9.53
C TYR B 285 -28.35 -11.04 -10.58
N ASP B 286 -28.51 -12.12 -11.33
CA ASP B 286 -29.52 -12.11 -12.36
C ASP B 286 -30.89 -12.45 -11.74
N GLN B 287 -31.37 -11.57 -10.87
CA GLN B 287 -32.65 -11.74 -10.19
C GLN B 287 -33.00 -10.46 -9.46
N SER B 288 -34.19 -10.45 -8.85
CA SER B 288 -34.71 -9.25 -8.19
C SER B 288 -33.84 -8.86 -7.00
N PRO B 289 -33.97 -7.60 -6.54
CA PRO B 289 -33.19 -7.17 -5.39
C PRO B 289 -33.43 -8.04 -4.15
N ALA B 290 -34.68 -8.38 -3.85
CA ALA B 290 -34.96 -9.25 -2.71
C ALA B 290 -34.40 -10.67 -2.95
N GLY B 291 -34.46 -11.12 -4.20
CA GLY B 291 -33.85 -12.40 -4.57
C GLY B 291 -32.35 -12.44 -4.26
N CYS B 292 -31.63 -11.39 -4.65
CA CYS B 292 -30.19 -11.30 -4.38
C CYS B 292 -29.92 -11.31 -2.89
N ARG B 293 -30.78 -10.62 -2.15
CA ARG B 293 -30.66 -10.51 -0.69
C ARG B 293 -30.75 -11.88 -0.05
N ASP B 294 -31.78 -12.63 -0.44
CA ASP B 294 -32.00 -13.94 0.17
C ASP B 294 -30.95 -14.93 -0.29
N ALA B 295 -30.50 -14.80 -1.53
CA ALA B 295 -29.40 -15.65 -2.02
C ALA B 295 -28.13 -15.38 -1.21
N LEU B 296 -27.86 -14.09 -0.93
CA LEU B 296 -26.69 -13.72 -0.16
C LEU B 296 -26.81 -14.27 1.25
N LEU B 297 -28.01 -14.14 1.81
CA LEU B 297 -28.29 -14.67 3.15
C LEU B 297 -28.01 -16.16 3.27
N GLN B 298 -28.48 -16.95 2.31
CA GLN B 298 -28.22 -18.40 2.33
C GLN B 298 -26.71 -18.65 2.29
N LEU B 299 -26.01 -17.86 1.48
CA LEU B 299 -24.58 -18.01 1.25
C LEU B 299 -23.77 -17.79 2.53
N THR B 300 -24.27 -16.92 3.41
CA THR B 300 -23.54 -16.61 4.63
C THR B 300 -23.41 -17.82 5.54
N SER B 301 -24.26 -18.81 5.34
CA SER B 301 -24.26 -20.00 6.18
C SER B 301 -22.91 -20.71 6.15
N GLY B 302 -22.30 -20.76 4.97
CA GLY B 302 -21.01 -21.40 4.83
C GLY B 302 -19.82 -20.45 4.91
N MET B 303 -19.98 -19.36 5.65
CA MET B 303 -18.92 -18.35 5.74
C MET B 303 -18.17 -18.41 7.07
N VAL B 304 -16.90 -18.04 7.01
CA VAL B 304 -15.99 -18.20 8.13
C VAL B 304 -15.96 -17.02 9.08
N GLN B 305 -16.23 -17.30 10.35
CA GLN B 305 -16.20 -16.28 11.39
C GLN B 305 -14.83 -16.24 12.05
N THR B 306 -14.54 -15.18 12.79
CA THR B 306 -13.30 -15.13 13.55
C THR B 306 -13.60 -14.68 14.97
N HIS B 307 -12.70 -15.03 15.88
CA HIS B 307 -12.73 -14.43 17.21
C HIS B 307 -12.22 -12.99 17.10
N VAL B 308 -12.56 -12.18 18.07
CA VAL B 308 -11.95 -10.87 18.20
C VAL B 308 -10.89 -10.95 19.30
N THR B 309 -10.00 -9.96 19.35
CA THR B 309 -8.85 -10.04 20.25
C THR B 309 -9.11 -9.46 21.64
N THR B 310 -10.14 -8.65 21.77
CA THR B 310 -10.50 -8.07 23.06
C THR B 310 -12.02 -8.11 23.21
N PRO B 311 -12.53 -8.02 24.45
CA PRO B 311 -13.98 -8.04 24.61
C PRO B 311 -14.61 -6.75 24.09
N GLY B 312 -13.89 -5.63 24.26
CA GLY B 312 -14.36 -4.34 23.78
C GLY B 312 -14.16 -4.11 22.29
N SER B 313 -13.69 -5.15 21.59
CA SER B 313 -13.51 -5.08 20.14
C SER B 313 -14.83 -4.96 19.41
N ILE B 314 -15.85 -5.70 19.85
CA ILE B 314 -17.16 -5.63 19.19
C ILE B 314 -17.75 -4.21 19.14
N PRO B 315 -17.92 -3.53 20.30
CA PRO B 315 -18.44 -2.16 20.19
C PRO B 315 -17.50 -1.21 19.44
N THR B 316 -16.19 -1.32 19.69
CA THR B 316 -15.20 -0.53 18.97
C THR B 316 -15.39 -0.66 17.46
N ILE B 317 -15.41 -1.90 16.98
CA ILE B 317 -15.60 -2.19 15.56
C ILE B 317 -16.90 -1.57 15.07
N CYS B 318 -17.96 -1.74 15.83
CA CYS B 318 -19.25 -1.16 15.50
C CYS B 318 -19.19 0.35 15.30
N ASP B 319 -18.62 1.06 16.27
CA ASP B 319 -18.46 2.50 16.19
C ASP B 319 -17.63 2.91 14.97
N LEU B 320 -16.57 2.16 14.69
CA LEU B 320 -15.73 2.41 13.53
C LEU B 320 -16.54 2.30 12.24
N ALA B 321 -17.32 1.23 12.12
CA ALA B 321 -18.14 1.04 10.93
C ALA B 321 -19.17 2.15 10.77
N ARG B 322 -19.82 2.55 11.86
CA ARG B 322 -20.84 3.57 11.79
C ARG B 322 -20.24 4.95 11.54
N THR B 323 -19.13 5.24 12.21
CA THR B 323 -18.42 6.50 11.96
C THR B 323 -18.03 6.63 10.48
N PHE B 324 -17.42 5.57 9.95
CA PHE B 324 -17.08 5.48 8.52
C PHE B 324 -18.29 5.74 7.63
N ALA B 325 -19.38 5.01 7.89
CA ALA B 325 -20.59 5.14 7.09
C ALA B 325 -21.09 6.59 7.10
N ARG B 326 -21.19 7.16 8.29
CA ARG B 326 -21.68 8.53 8.44
C ARG B 326 -20.82 9.55 7.68
N GLU B 327 -19.51 9.39 7.74
CA GLU B 327 -18.62 10.40 7.18
C GLU B 327 -18.48 10.24 5.67
N MET B 328 -18.42 9.00 5.19
CA MET B 328 -18.04 8.79 3.79
C MET B 328 -19.08 8.15 2.90
N GLY B 329 -20.12 7.56 3.49
CA GLY B 329 -21.18 6.96 2.72
C GLY B 329 -21.95 8.06 2.00
N GLU B 330 -22.61 7.69 0.90
CA GLU B 330 -23.40 8.64 0.14
C GLU B 330 -24.79 8.86 0.76
S SO4 C . 23.52 9.23 0.00
O1 SO4 C . 23.71 7.80 -0.21
O2 SO4 C . 22.56 9.77 -0.95
O3 SO4 C . 23.02 9.47 1.36
O4 SO4 C . 24.79 9.92 -0.15
S SO4 D . 14.76 22.49 -17.97
O1 SO4 D . 15.45 21.45 -18.72
O2 SO4 D . 13.54 21.95 -17.38
O3 SO4 D . 15.64 22.98 -16.91
O4 SO4 D . 14.42 23.60 -18.86
S SO4 E . 32.93 15.98 2.03
O1 SO4 E . 33.96 15.46 2.95
O2 SO4 E . 32.13 14.88 1.56
O3 SO4 E . 32.09 16.95 2.74
O4 SO4 E . 33.56 16.66 0.91
O01 F2U F . 19.17 8.26 -3.41
C03 F2U F . 17.78 8.23 -3.68
C06 F2U F . 17.49 9.24 -4.78
O08 F2U F . 16.10 9.06 -5.12
C09 F2U F . 17.61 10.71 -4.36
O11 F2U F . 17.75 11.55 -5.50
C13 F2U F . 16.29 10.96 -3.64
F14 F2U F . 16.37 10.57 -2.35
F15 F2U F . 15.90 12.25 -3.67
C16 F2U F . 15.34 10.12 -4.46
N18 F2U F . 14.14 9.55 -3.83
C19 F2U F . 12.95 10.23 -4.04
O20 F2U F . 12.86 11.26 -4.68
N21 F2U F . 11.84 9.63 -3.46
C23 F2U F . 11.81 8.46 -2.73
O24 F2U F . 10.78 7.99 -2.26
C25 F2U F . 13.13 7.80 -2.56
C26 F2U F . 14.20 8.37 -3.12
C28 F2U F . 13.20 6.59 -1.83
C29 F2U F . 13.28 5.56 -1.21
S SO4 G . -23.36 -1.70 -8.06
O1 SO4 G . -22.85 -3.06 -8.31
O2 SO4 G . -24.72 -1.61 -8.57
O3 SO4 G . -23.34 -1.40 -6.64
O4 SO4 G . -22.49 -0.76 -8.77
S SO4 H . -1.46 -18.18 4.49
O1 SO4 H . -0.10 -18.58 4.18
O2 SO4 H . -2.34 -18.67 3.43
O3 SO4 H . -1.90 -18.80 5.76
O4 SO4 H . -1.52 -16.73 4.62
O01 F2U I . -18.09 2.03 -7.61
C03 F2U I . -18.50 3.31 -8.08
C06 F2U I . -17.61 3.74 -9.25
O08 F2U I . -16.21 3.73 -8.85
C09 F2U I . -17.71 2.83 -10.47
O11 F2U I . -17.82 3.65 -11.63
C13 F2U I . -16.43 2.01 -10.44
F14 F2U I . -16.51 0.92 -9.66
F15 F2U I . -16.11 1.60 -11.68
C16 F2U I . -15.46 3.02 -9.86
N18 F2U I . -14.25 2.53 -9.21
C19 F2U I . -13.06 2.70 -9.92
O20 F2U I . -13.00 3.20 -11.05
N21 F2U I . -11.92 2.25 -9.28
C23 F2U I . -11.86 1.68 -8.03
O24 F2U I . -10.82 1.31 -7.50
C25 F2U I . -13.15 1.52 -7.32
C26 F2U I . -14.27 1.96 -7.94
C28 F2U I . -13.15 0.93 -6.04
C29 F2U I . -13.11 0.44 -4.95
#